data_9B6C
#
_entry.id   9B6C
#
_cell.length_a   1.00
_cell.length_b   1.00
_cell.length_c   1.00
_cell.angle_alpha   90.00
_cell.angle_beta   90.00
_cell.angle_gamma   90.00
#
_symmetry.space_group_name_H-M   'P 1'
#
_entity_poly.entity_id   1
_entity_poly.type   'polypeptide(L)'
_entity_poly.pdbx_seq_one_letter_code
;CGIWALFGSDDCLSVQCLSAMKIAHRGPDAFRFENVNGYTNCCFGFHRLAVVDPLFGMQPIRVKKYPYLWLCYNGEIYNH
KKMQQHFEFEYQTKVDGEIILHLYDKGGIEQTICMLDGVFAFVLLDTANKKVFLGRDTYGVIPLFKAMTEDGFLAVCSEA
KGLVTLKHSATPFLKVEPFLPGHYEVLDLKPNGKVASVEMVKYHHCRDVPLHALYDNVEKLFPGFEIETVKNNLRILFNN
AVKKRLMTDRRIGCLLSGGLDSSLVAATLLKQLKEAQVQYPLQTFAIGMEDSPDLLAARKVADHIGSEHYEVLFNSEEGI
QALDEVIFSLETYDITTVRASVGMYLISKYIRKNTDSVVIFSGEGSDELTQGYIYFHKAPSPEKAEEESERLLRELYLFD
VLRADRTTAAHGLELRVPFLDHRFSSYYLSLPPEMRIPKNGIEKHLLRETFEDSNLIPKEILWRPKEAFSDGITSVKNSW
FKILQEYVEHQVDDAMMANAAQKFPFNTPKTKEGYYYRQVFERHYPGRADWLSHYWMPKWINATDPSARTLTHYKSAVKA
AGENLYFQSHHHHHHHHHH
;
_entity_poly.pdbx_strand_id   A,B
#
# COMPACT_ATOMS: atom_id res chain seq x y z
N CYS A 1 3.59 -14.61 6.84
CA CYS A 1 3.22 -13.21 6.67
C CYS A 1 4.19 -12.29 7.39
N GLY A 2 4.25 -11.04 6.94
CA GLY A 2 5.13 -10.06 7.56
C GLY A 2 4.45 -8.76 7.89
N ILE A 3 4.50 -8.35 9.15
CA ILE A 3 3.88 -7.12 9.60
C ILE A 3 4.94 -6.02 9.67
N TRP A 4 4.49 -4.77 9.64
CA TRP A 4 5.38 -3.63 9.60
C TRP A 4 4.63 -2.34 9.91
N ALA A 5 5.17 -1.54 10.83
CA ALA A 5 4.52 -0.30 11.25
C ALA A 5 5.57 0.79 11.44
N LEU A 6 5.17 2.04 11.22
CA LEU A 6 6.06 3.18 11.31
C LEU A 6 5.40 4.34 12.05
N PHE A 7 4.85 4.05 13.23
CA PHE A 7 4.24 5.11 14.04
C PHE A 7 5.28 6.18 14.38
N GLY A 8 5.07 7.38 13.83
CA GLY A 8 6.06 8.44 13.91
C GLY A 8 7.03 8.36 12.75
N SER A 9 7.16 9.45 12.01
CA SER A 9 8.11 9.49 10.88
C SER A 9 8.39 10.95 10.55
N ASP A 10 9.62 11.38 10.82
CA ASP A 10 10.03 12.73 10.42
C ASP A 10 10.38 12.82 8.94
N ASP A 11 10.65 11.68 8.30
CA ASP A 11 10.95 11.62 6.88
C ASP A 11 9.73 11.17 6.10
N CYS A 12 9.87 11.17 4.77
CA CYS A 12 8.81 10.70 3.91
C CYS A 12 8.66 9.18 4.03
N LEU A 13 7.49 8.70 3.65
CA LEU A 13 7.19 7.27 3.73
C LEU A 13 7.66 6.51 2.50
N SER A 14 8.19 7.20 1.50
CA SER A 14 8.70 6.55 0.29
C SER A 14 10.14 6.10 0.45
N VAL A 15 10.96 6.89 1.15
CA VAL A 15 12.33 6.47 1.45
C VAL A 15 12.38 5.35 2.47
N GLN A 16 11.26 5.06 3.14
CA GLN A 16 11.18 4.05 4.18
C GLN A 16 10.42 2.81 3.72
N CYS A 17 10.16 2.69 2.41
CA CYS A 17 9.48 1.52 1.87
C CYS A 17 10.44 0.38 1.54
N LEU A 18 11.71 0.70 1.29
CA LEU A 18 12.69 -0.36 1.02
C LEU A 18 12.87 -1.26 2.24
N SER A 19 12.90 -0.66 3.44
CA SER A 19 12.96 -1.47 4.65
C SER A 19 11.73 -2.34 4.80
N ALA A 20 10.56 -1.81 4.43
CA ALA A 20 9.34 -2.62 4.46
C ALA A 20 9.42 -3.79 3.51
N MET A 21 9.94 -3.56 2.30
CA MET A 21 10.09 -4.61 1.31
C MET A 21 11.25 -5.55 1.60
N LYS A 22 12.11 -5.22 2.57
CA LYS A 22 13.21 -6.10 2.93
C LYS A 22 12.73 -7.41 3.52
N ILE A 23 11.51 -7.47 4.04
CA ILE A 23 10.95 -8.70 4.58
C ILE A 23 9.92 -9.32 3.63
N ALA A 24 10.00 -8.99 2.33
CA ALA A 24 9.05 -9.52 1.37
C ALA A 24 9.17 -11.03 1.19
N HIS A 25 10.28 -11.63 1.65
CA HIS A 25 10.46 -13.07 1.51
C HIS A 25 9.47 -13.86 2.36
N ARG A 26 8.88 -13.25 3.39
CA ARG A 26 7.94 -13.97 4.24
C ARG A 26 6.71 -14.39 3.45
N GLY A 27 6.06 -13.44 2.77
CA GLY A 27 5.05 -13.78 1.81
C GLY A 27 5.29 -13.09 0.47
N PRO A 28 5.65 -13.88 -0.54
CA PRO A 28 5.82 -13.34 -1.91
C PRO A 28 4.56 -13.48 -2.77
N ASP A 29 3.42 -13.00 -2.26
CA ASP A 29 2.18 -13.12 -3.01
C ASP A 29 1.42 -11.80 -3.04
N ALA A 30 1.60 -10.96 -2.02
CA ALA A 30 0.90 -9.70 -1.96
C ALA A 30 1.68 -8.75 -1.06
N PHE A 31 1.38 -7.47 -1.18
CA PHE A 31 2.05 -6.44 -0.39
C PHE A 31 1.23 -5.16 -0.48
N ARG A 32 0.94 -4.57 0.68
CA ARG A 32 0.14 -3.34 0.77
C ARG A 32 0.85 -2.34 1.67
N PHE A 33 1.05 -1.14 1.17
CA PHE A 33 1.60 -0.02 1.94
C PHE A 33 0.48 0.99 2.16
N GLU A 34 0.10 1.20 3.43
CA GLU A 34 -1.04 2.04 3.75
C GLU A 34 -0.68 3.00 4.87
N ASN A 35 -1.26 4.20 4.81
CA ASN A 35 -1.09 5.21 5.84
C ASN A 35 -2.25 5.14 6.83
N VAL A 36 -2.34 6.12 7.72
CA VAL A 36 -3.44 6.24 8.67
C VAL A 36 -3.99 7.65 8.59
N ASN A 37 -5.32 7.77 8.55
CA ASN A 37 -5.96 9.07 8.43
C ASN A 37 -5.69 9.92 9.66
N GLY A 38 -5.42 11.21 9.44
CA GLY A 38 -5.08 12.13 10.51
C GLY A 38 -3.67 12.01 11.05
N TYR A 39 -3.02 10.88 10.85
CA TYR A 39 -1.66 10.63 11.31
C TYR A 39 -0.80 10.14 10.16
N THR A 40 -0.82 10.89 9.06
CA THR A 40 -0.15 10.47 7.83
C THR A 40 1.33 10.15 8.02
N ASN A 41 1.94 10.64 9.11
CA ASN A 41 3.31 10.26 9.41
C ASN A 41 3.43 8.76 9.68
N CYS A 42 2.48 8.20 10.40
CA CYS A 42 2.48 6.77 10.69
C CYS A 42 1.82 6.01 9.56
N CYS A 43 2.38 4.84 9.25
CA CYS A 43 1.92 4.03 8.12
C CYS A 43 1.90 2.57 8.56
N PHE A 44 1.72 1.67 7.59
CA PHE A 44 1.71 0.24 7.82
C PHE A 44 2.39 -0.46 6.65
N GLY A 45 2.45 -1.78 6.73
CA GLY A 45 3.00 -2.60 5.67
C GLY A 45 2.80 -4.08 5.94
N PHE A 46 2.32 -4.81 4.94
CA PHE A 46 1.99 -6.22 5.11
C PHE A 46 2.43 -7.01 3.89
N HIS A 47 2.86 -8.25 4.12
CA HIS A 47 3.20 -9.19 3.07
C HIS A 47 2.44 -10.48 3.31
N ARG A 48 1.80 -11.00 2.26
CA ARG A 48 0.95 -12.17 2.37
C ARG A 48 1.49 -13.30 1.51
N LEU A 49 1.30 -14.53 1.97
CA LEU A 49 1.62 -15.73 1.22
C LEU A 49 0.34 -16.53 0.99
N ALA A 50 0.13 -16.96 -0.25
CA ALA A 50 -1.06 -17.71 -0.63
C ALA A 50 -2.35 -16.96 -0.28
N PRO A 54 -6.38 -14.99 -3.07
CA PRO A 54 -7.77 -14.57 -3.26
C PRO A 54 -8.03 -13.16 -2.75
N LEU A 55 -9.29 -12.72 -2.84
CA LEU A 55 -9.65 -11.38 -2.37
C LEU A 55 -9.92 -11.40 -0.87
N GLY A 57 -8.03 -12.21 1.84
CA GLY A 57 -7.86 -11.35 2.99
C GLY A 57 -6.54 -10.61 2.99
N MET A 58 -6.59 -9.32 3.28
CA MET A 58 -5.40 -8.47 3.32
C MET A 58 -5.43 -7.62 4.60
N GLN A 59 -4.30 -6.99 4.87
CA GLN A 59 -4.10 -6.19 6.07
C GLN A 59 -3.55 -4.82 5.69
N PRO A 60 -3.75 -3.80 6.55
CA PRO A 60 -4.39 -3.79 7.88
C PRO A 60 -5.88 -4.09 7.86
N ILE A 61 -6.40 -4.63 8.97
CA ILE A 61 -7.81 -5.00 9.08
C ILE A 61 -8.54 -3.79 9.65
N ARG A 62 -9.31 -3.11 8.80
CA ARG A 62 -10.17 -2.02 9.22
C ARG A 62 -11.61 -2.44 8.97
N VAL A 63 -12.34 -2.71 10.04
CA VAL A 63 -13.70 -3.20 9.97
C VAL A 63 -14.66 -2.04 10.16
N LYS A 64 -15.88 -2.21 9.63
CA LYS A 64 -16.88 -1.14 9.71
C LYS A 64 -17.30 -0.89 11.16
N LYS A 65 -17.47 -1.95 11.95
CA LYS A 65 -17.92 -1.80 13.33
C LYS A 65 -16.89 -1.07 14.19
N TYR A 66 -15.61 -1.13 13.83
CA TYR A 66 -14.54 -0.47 14.57
C TYR A 66 -13.72 0.37 13.60
N PRO A 67 -14.23 1.54 13.20
CA PRO A 67 -13.48 2.37 12.24
C PRO A 67 -12.16 2.88 12.76
N TYR A 68 -11.99 2.98 14.08
CA TYR A 68 -10.77 3.50 14.67
C TYR A 68 -9.76 2.41 15.04
N LEU A 69 -10.06 1.15 14.75
CA LEU A 69 -9.17 0.04 15.02
C LEU A 69 -8.40 -0.33 13.77
N TRP A 70 -7.07 -0.30 13.85
CA TRP A 70 -6.21 -0.73 12.75
C TRP A 70 -5.31 -1.84 13.27
N LEU A 71 -5.42 -3.03 12.67
CA LEU A 71 -4.69 -4.20 13.15
C LEU A 71 -3.84 -4.76 12.03
N CYS A 72 -2.56 -4.98 12.31
CA CYS A 72 -1.64 -5.65 11.40
C CYS A 72 -1.01 -6.81 12.18
N TYR A 73 -1.47 -8.02 11.91
CA TYR A 73 -1.07 -9.20 12.67
C TYR A 73 -0.59 -10.30 11.73
N ASN A 74 0.37 -11.07 12.20
CA ASN A 74 0.77 -12.29 11.52
C ASN A 74 0.90 -13.42 12.53
N GLY A 75 0.56 -14.62 12.08
CA GLY A 75 0.51 -15.81 12.91
C GLY A 75 -0.84 -16.48 12.77
N GLU A 76 -1.13 -17.39 13.71
CA GLU A 76 -2.40 -18.08 13.73
C GLU A 76 -2.92 -18.14 15.16
N ILE A 77 -4.17 -17.74 15.35
CA ILE A 77 -4.87 -17.88 16.62
C ILE A 77 -5.79 -19.10 16.49
N TYR A 78 -5.52 -20.13 17.28
CA TYR A 78 -6.20 -21.41 17.08
C TYR A 78 -7.60 -21.40 17.67
N ASN A 79 -7.79 -20.77 18.82
CA ASN A 79 -9.07 -20.77 19.51
C ASN A 79 -9.92 -19.55 19.13
N HIS A 80 -10.11 -19.32 17.83
CA HIS A 80 -10.98 -18.24 17.39
C HIS A 80 -12.41 -18.70 17.14
N LYS A 81 -12.60 -19.94 16.68
CA LYS A 81 -13.94 -20.48 16.54
C LYS A 81 -14.53 -20.88 17.88
N LYS A 82 -13.69 -21.31 18.82
CA LYS A 82 -14.15 -21.65 20.17
C LYS A 82 -14.52 -20.41 20.98
N MET A 83 -14.19 -19.22 20.51
CA MET A 83 -14.50 -17.98 21.19
C MET A 83 -15.47 -17.09 20.43
N GLN A 84 -15.50 -17.16 19.09
CA GLN A 84 -16.54 -16.49 18.35
C GLN A 84 -17.91 -17.11 18.58
N GLN A 85 -17.95 -18.38 19.01
CA GLN A 85 -19.19 -19.04 19.38
C GLN A 85 -19.55 -18.83 20.84
N HIS A 86 -18.55 -18.80 21.73
CA HIS A 86 -18.82 -18.50 23.13
C HIS A 86 -19.38 -17.10 23.30
N PHE A 87 -18.81 -16.13 22.61
CA PHE A 87 -19.33 -14.76 22.56
C PHE A 87 -19.57 -14.41 21.10
N GLU A 88 -20.83 -14.23 20.74
CA GLU A 88 -21.20 -13.97 19.34
C GLU A 88 -20.53 -12.71 18.84
N PHE A 89 -19.60 -12.88 17.89
CA PHE A 89 -18.84 -11.77 17.31
C PHE A 89 -18.88 -11.92 15.80
N GLU A 90 -19.74 -11.14 15.15
CA GLU A 90 -19.85 -11.17 13.69
C GLU A 90 -18.55 -10.67 13.07
N TYR A 91 -17.91 -11.53 12.28
CA TYR A 91 -16.64 -11.20 11.65
C TYR A 91 -16.90 -10.79 10.21
N GLN A 92 -16.53 -9.55 9.88
CA GLN A 92 -16.73 -9.05 8.52
C GLN A 92 -15.84 -9.78 7.52
N THR A 93 -14.57 -9.97 7.87
CA THR A 93 -13.60 -10.62 7.01
C THR A 93 -13.38 -12.06 7.43
N LYS A 94 -12.65 -12.79 6.60
CA LYS A 94 -12.29 -14.18 6.86
C LYS A 94 -10.94 -14.30 7.57
N VAL A 95 -10.32 -13.18 7.95
CA VAL A 95 -9.03 -13.21 8.60
C VAL A 95 -9.18 -13.79 10.00
N ASP A 96 -8.21 -14.63 10.38
CA ASP A 96 -8.25 -15.29 11.69
C ASP A 96 -8.13 -14.29 12.83
N GLY A 97 -7.38 -13.20 12.62
CA GLY A 97 -7.10 -12.23 13.66
C GLY A 97 -8.15 -11.16 13.87
N GLU A 98 -9.28 -11.23 13.18
CA GLU A 98 -10.32 -10.22 13.37
C GLU A 98 -10.91 -10.27 14.77
N ILE A 99 -10.86 -11.43 15.42
CA ILE A 99 -11.39 -11.56 16.78
C ILE A 99 -10.61 -10.71 17.77
N ILE A 100 -9.36 -10.35 17.44
CA ILE A 100 -8.57 -9.50 18.32
C ILE A 100 -9.24 -8.14 18.48
N LEU A 101 -9.76 -7.59 17.39
CA LEU A 101 -10.44 -6.29 17.46
C LEU A 101 -11.66 -6.36 18.37
N HIS A 102 -12.47 -7.41 18.21
CA HIS A 102 -13.66 -7.56 19.04
C HIS A 102 -13.30 -7.73 20.51
N LEU A 103 -12.28 -8.53 20.80
CA LEU A 103 -11.87 -8.73 22.19
C LEU A 103 -11.31 -7.46 22.79
N TYR A 104 -10.54 -6.69 22.01
CA TYR A 104 -10.03 -5.42 22.50
C TYR A 104 -11.15 -4.44 22.81
N ASP A 105 -12.16 -4.38 21.93
CA ASP A 105 -13.30 -3.51 22.20
C ASP A 105 -14.07 -3.97 23.43
N LYS A 106 -14.22 -5.28 23.61
CA LYS A 106 -15.02 -5.79 24.72
C LYS A 106 -14.31 -5.58 26.06
N GLY A 107 -13.03 -5.95 26.13
CA GLY A 107 -12.35 -5.96 27.42
C GLY A 107 -10.93 -5.44 27.44
N GLY A 108 -10.59 -4.51 26.55
CA GLY A 108 -9.27 -3.90 26.59
C GLY A 108 -8.18 -4.80 26.04
N ILE A 109 -6.95 -4.42 26.35
CA ILE A 109 -5.79 -5.11 25.81
C ILE A 109 -5.33 -6.27 26.69
N GLU A 110 -5.57 -6.19 28.00
CA GLU A 110 -5.15 -7.26 28.89
C GLU A 110 -5.88 -8.57 28.59
N GLN A 111 -7.19 -8.49 28.36
CA GLN A 111 -8.00 -9.68 28.13
C GLN A 111 -8.02 -10.11 26.67
N THR A 112 -7.60 -9.25 25.74
CA THR A 112 -7.51 -9.67 24.34
C THR A 112 -6.21 -10.38 24.02
N ILE A 113 -5.27 -10.44 24.96
CA ILE A 113 -3.99 -11.10 24.73
C ILE A 113 -3.85 -12.40 25.53
N CYS A 114 -4.65 -12.59 26.58
CA CYS A 114 -4.61 -13.82 27.37
C CYS A 114 -5.58 -14.87 26.87
N MET A 115 -6.44 -14.54 25.91
CA MET A 115 -7.36 -15.49 25.30
C MET A 115 -7.03 -15.70 23.83
N LEU A 116 -5.74 -15.69 23.48
CA LEU A 116 -5.32 -15.93 22.10
C LEU A 116 -4.40 -17.14 22.02
N ASP A 117 -4.81 -18.25 22.65
CA ASP A 117 -4.03 -19.49 22.59
C ASP A 117 -3.65 -19.80 21.15
N GLY A 118 -2.35 -19.76 20.86
CA GLY A 118 -1.84 -19.81 19.52
C GLY A 118 -0.61 -18.94 19.41
N VAL A 119 -0.13 -18.76 18.19
CA VAL A 119 1.07 -17.96 17.92
C VAL A 119 0.65 -16.69 17.19
N PHE A 120 1.23 -15.56 17.59
CA PHE A 120 0.77 -14.31 17.01
C PHE A 120 1.78 -13.20 17.29
N ALA A 121 1.81 -12.22 16.39
CA ALA A 121 2.46 -10.94 16.63
C ALA A 121 1.63 -9.89 15.91
N PHE A 122 1.13 -8.90 16.66
CA PHE A 122 0.19 -7.96 16.11
C PHE A 122 0.55 -6.54 16.53
N VAL A 123 0.14 -5.58 15.70
CA VAL A 123 0.20 -4.17 16.01
C VAL A 123 -1.22 -3.62 15.93
N LEU A 124 -1.66 -2.96 17.01
CA LEU A 124 -3.02 -2.43 17.10
C LEU A 124 -2.96 -0.93 17.31
N LEU A 125 -3.78 -0.19 16.56
CA LEU A 125 -3.83 1.26 16.63
C LEU A 125 -5.27 1.68 16.90
N ASP A 126 -5.47 2.49 17.94
CA ASP A 126 -6.77 3.05 18.30
C ASP A 126 -6.69 4.57 18.22
N THR A 127 -7.24 5.13 17.14
CA THR A 127 -7.29 6.58 17.00
C THR A 127 -8.26 7.21 18.00
N ALA A 128 -9.37 6.53 18.30
CA ALA A 128 -10.36 7.08 19.22
C ALA A 128 -9.78 7.25 20.62
N ASN A 129 -9.07 6.24 21.11
CA ASN A 129 -8.43 6.31 22.41
C ASN A 129 -6.97 6.77 22.33
N LYS A 130 -6.46 6.99 21.12
CA LYS A 130 -5.10 7.49 20.91
C LYS A 130 -4.06 6.58 21.58
N LYS A 131 -4.03 5.32 21.13
CA LYS A 131 -3.14 4.35 21.75
C LYS A 131 -2.60 3.38 20.71
N VAL A 132 -1.44 2.82 21.02
CA VAL A 132 -0.78 1.82 20.19
C VAL A 132 -0.42 0.64 21.08
N PHE A 133 -0.68 -0.57 20.58
CA PHE A 133 -0.46 -1.79 21.33
C PHE A 133 0.37 -2.76 20.50
N LEU A 134 1.32 -3.42 21.15
CA LEU A 134 2.15 -4.45 20.54
C LEU A 134 1.98 -5.76 21.31
N GLY A 135 2.22 -6.86 20.63
CA GLY A 135 2.06 -8.16 21.26
C GLY A 135 2.92 -9.22 20.59
N ARG A 136 3.30 -10.23 21.36
CA ARG A 136 4.07 -11.35 20.86
C ARG A 136 3.65 -12.60 21.61
N ASP A 137 3.88 -13.76 20.98
CA ASP A 137 3.56 -15.02 21.61
C ASP A 137 4.43 -15.24 22.85
N THR A 138 3.91 -16.03 23.79
CA THR A 138 4.58 -16.24 25.07
C THR A 138 5.88 -17.03 24.95
N TYR A 139 6.13 -17.68 23.81
CA TYR A 139 7.35 -18.46 23.62
C TYR A 139 8.28 -17.90 22.57
N GLY A 140 7.91 -16.83 21.87
CA GLY A 140 8.78 -16.19 20.90
C GLY A 140 8.52 -16.56 19.47
N VAL A 141 7.63 -17.52 19.19
CA VAL A 141 7.26 -17.81 17.82
C VAL A 141 6.60 -16.59 17.22
N ILE A 142 6.70 -16.45 15.90
CA ILE A 142 6.21 -15.28 15.18
C ILE A 142 6.84 -14.04 15.80
N PRO A 143 8.12 -13.77 15.51
CA PRO A 143 8.86 -12.76 16.26
C PRO A 143 8.38 -11.34 15.95
N LEU A 144 8.93 -10.41 16.70
CA LEU A 144 8.63 -8.99 16.54
C LEU A 144 9.84 -8.19 16.98
N PHE A 145 10.17 -7.16 16.21
CA PHE A 145 11.31 -6.29 16.50
C PHE A 145 10.84 -4.85 16.52
N LYS A 146 11.24 -4.13 17.56
CA LYS A 146 10.80 -2.76 17.79
C LYS A 146 12.00 -1.82 17.81
N ALA A 147 11.82 -0.65 17.20
CA ALA A 147 12.81 0.41 17.18
C ALA A 147 12.17 1.66 17.78
N MET A 148 12.80 2.23 18.80
CA MET A 148 12.25 3.35 19.55
C MET A 148 13.25 4.49 19.63
N THR A 149 12.75 5.70 19.47
CA THR A 149 13.55 6.92 19.57
C THR A 149 12.96 7.82 20.64
N GLU A 150 13.84 8.55 21.34
CA GLU A 150 13.40 9.42 22.43
C GLU A 150 12.42 10.50 21.97
N ASP A 151 12.46 10.88 20.69
CA ASP A 151 11.51 11.87 20.19
C ASP A 151 10.09 11.30 20.13
N GLY A 152 9.96 10.00 19.88
CA GLY A 152 8.66 9.38 19.75
C GLY A 152 8.53 8.58 18.46
N PHE A 153 9.67 8.30 17.83
CA PHE A 153 9.70 7.49 16.62
C PHE A 153 9.59 6.02 16.99
N LEU A 154 8.58 5.35 16.46
CA LEU A 154 8.35 3.94 16.74
C LEU A 154 8.28 3.16 15.43
N ALA A 155 8.91 2.00 15.42
CA ALA A 155 8.89 1.10 14.28
C ALA A 155 8.74 -0.33 14.76
N VAL A 156 7.97 -1.12 14.03
CA VAL A 156 7.76 -2.52 14.35
C VAL A 156 7.85 -3.32 13.08
N CYS A 157 8.57 -4.44 13.13
CA CYS A 157 8.71 -5.30 11.95
C CYS A 157 8.79 -6.76 12.40
N SER A 158 8.44 -7.65 11.47
CA SER A 158 8.52 -9.08 11.77
C SER A 158 9.96 -9.51 12.03
N GLU A 159 10.89 -9.03 11.22
CA GLU A 159 12.31 -9.31 11.38
C GLU A 159 13.07 -8.00 11.53
N ALA A 160 14.33 -8.10 11.92
CA ALA A 160 15.16 -6.92 12.12
C ALA A 160 15.70 -6.33 10.82
N LYS A 161 15.58 -7.05 9.70
CA LYS A 161 16.07 -6.53 8.43
C LYS A 161 15.26 -5.34 7.95
N GLY A 162 14.04 -5.16 8.45
CA GLY A 162 13.20 -4.05 8.07
C GLY A 162 13.31 -2.82 8.94
N LEU A 163 14.27 -2.78 9.86
CA LEU A 163 14.40 -1.65 10.77
C LEU A 163 15.77 -1.02 10.70
N VAL A 164 16.80 -1.82 10.43
CA VAL A 164 18.16 -1.29 10.35
C VAL A 164 18.31 -0.38 9.14
N THR A 165 17.51 -0.60 8.09
CA THR A 165 17.56 0.27 6.91
C THR A 165 16.87 1.61 7.18
N LEU A 166 15.90 1.63 8.09
CA LEU A 166 15.12 2.83 8.35
C LEU A 166 16.00 4.01 8.72
N LYS A 167 15.66 5.18 8.17
CA LYS A 167 16.38 6.42 8.44
C LYS A 167 15.49 7.35 9.25
N HIS A 168 16.01 7.82 10.38
CA HIS A 168 15.31 8.76 11.24
C HIS A 168 16.21 9.96 11.48
N SER A 169 15.86 11.09 10.88
CA SER A 169 16.65 12.31 11.07
C SER A 169 16.42 12.88 12.47
N ALA A 170 17.25 13.86 12.82
CA ALA A 170 17.26 14.51 14.12
C ALA A 170 17.59 13.56 15.26
N THR A 171 18.06 12.35 14.96
CA THR A 171 18.51 11.39 15.97
C THR A 171 19.57 10.48 15.36
N PRO A 172 20.83 10.63 15.77
CA PRO A 172 21.90 9.81 15.15
C PRO A 172 21.75 8.32 15.37
N PHE A 173 21.20 7.90 16.50
CA PHE A 173 21.17 6.49 16.89
C PHE A 173 19.73 6.02 17.04
N LEU A 174 19.41 4.92 16.37
CA LEU A 174 18.12 4.24 16.50
C LEU A 174 18.37 2.83 17.03
N LYS A 175 17.68 2.48 18.12
CA LYS A 175 17.90 1.21 18.80
C LYS A 175 16.84 0.21 18.34
N VAL A 176 17.28 -0.87 17.71
CA VAL A 176 16.41 -1.93 17.23
C VAL A 176 16.62 -3.15 18.13
N GLU A 177 15.55 -3.55 18.82
CA GLU A 177 15.65 -4.67 19.75
C GLU A 177 14.48 -5.63 19.53
N PRO A 178 14.70 -6.93 19.72
CA PRO A 178 13.59 -7.87 19.61
C PRO A 178 12.55 -7.64 20.69
N PHE A 179 11.27 -7.76 20.31
CA PHE A 179 10.20 -7.59 21.27
C PHE A 179 10.18 -8.76 22.24
N LEU A 180 10.08 -8.44 23.53
CA LEU A 180 10.12 -9.48 24.55
C LEU A 180 8.89 -10.38 24.45
N PRO A 181 9.05 -11.69 24.34
CA PRO A 181 7.88 -12.57 24.22
C PRO A 181 7.03 -12.55 25.48
N GLY A 182 5.72 -12.66 25.30
CA GLY A 182 4.79 -12.66 26.41
C GLY A 182 4.48 -11.29 26.98
N HIS A 183 4.85 -10.22 26.30
CA HIS A 183 4.64 -8.86 26.77
C HIS A 183 3.67 -8.13 25.86
N TYR A 184 2.97 -7.16 26.43
CA TYR A 184 2.18 -6.20 25.66
C TYR A 184 2.58 -4.80 26.10
N GLU A 185 2.75 -3.91 25.12
CA GLU A 185 3.19 -2.55 25.36
C GLU A 185 2.08 -1.58 24.97
N VAL A 186 1.70 -0.71 25.90
CA VAL A 186 0.72 0.34 25.65
C VAL A 186 1.46 1.66 25.53
N LEU A 187 1.31 2.32 24.38
CA LEU A 187 1.95 3.61 24.12
C LEU A 187 0.89 4.63 23.74
N ASP A 188 1.14 5.88 24.09
CA ASP A 188 0.20 6.96 23.83
C ASP A 188 0.54 7.66 22.52
N LEU A 189 -0.47 7.84 21.67
CA LEU A 189 -0.29 8.47 20.36
C LEU A 189 -0.44 9.97 20.52
N LYS A 190 0.68 10.69 20.51
CA LYS A 190 0.64 12.14 20.55
C LYS A 190 0.05 12.68 19.24
N PRO A 191 -0.54 13.88 19.27
CA PRO A 191 -1.18 14.40 18.05
C PRO A 191 -0.17 14.97 17.05
N ASN A 192 0.92 14.25 16.83
CA ASN A 192 1.86 14.58 15.76
C ASN A 192 2.44 13.34 15.12
N GLY A 193 1.85 12.17 15.36
CA GLY A 193 2.34 10.92 14.84
C GLY A 193 3.29 10.17 15.74
N LYS A 194 3.94 10.86 16.68
CA LYS A 194 4.87 10.21 17.59
C LYS A 194 4.12 9.48 18.69
N VAL A 195 4.82 8.55 19.34
CA VAL A 195 4.24 7.75 20.43
C VAL A 195 5.09 7.93 21.67
N ALA A 196 4.45 7.80 22.83
CA ALA A 196 5.13 7.80 24.12
C ALA A 196 4.73 6.54 24.88
N SER A 197 5.73 5.77 25.30
CA SER A 197 5.46 4.52 26.01
C SER A 197 4.76 4.80 27.33
N VAL A 198 3.66 4.08 27.57
CA VAL A 198 2.91 4.24 28.81
C VAL A 198 3.06 3.06 29.75
N GLU A 199 3.19 1.84 29.23
CA GLU A 199 3.41 0.68 30.09
C GLU A 199 3.83 -0.51 29.25
N MET A 200 4.42 -1.50 29.91
CA MET A 200 4.82 -2.76 29.28
C MET A 200 4.63 -3.87 30.30
N VAL A 201 3.63 -4.71 30.09
CA VAL A 201 3.21 -5.72 31.06
C VAL A 201 3.28 -7.10 30.44
N LYS A 202 3.85 -8.04 31.19
CA LYS A 202 3.94 -9.44 30.75
C LYS A 202 2.69 -10.17 31.21
N TYR A 203 2.03 -10.86 30.26
CA TYR A 203 0.82 -11.61 30.57
C TYR A 203 1.07 -13.10 30.77
N HIS A 204 2.30 -13.57 30.54
CA HIS A 204 2.71 -14.95 30.81
C HIS A 204 1.87 -15.89 29.95
N HIS A 205 1.61 -17.10 30.45
CA HIS A 205 0.81 -18.09 29.76
C HIS A 205 -0.62 -18.08 30.30
N CYS A 206 -1.43 -19.02 29.83
CA CYS A 206 -2.80 -19.16 30.31
C CYS A 206 -3.23 -20.61 30.15
N ARG A 207 -4.23 -21.00 30.93
CA ARG A 207 -4.85 -22.32 30.86
C ARG A 207 -6.33 -22.10 30.55
N ASP A 208 -6.64 -22.00 29.25
CA ASP A 208 -7.97 -21.61 28.82
C ASP A 208 -9.00 -22.67 29.17
N VAL A 209 -10.16 -22.22 29.64
CA VAL A 209 -11.30 -23.08 29.93
C VAL A 209 -12.03 -23.48 28.66
N PRO A 210 -12.30 -22.56 27.69
CA PRO A 210 -13.01 -23.03 26.48
C PRO A 210 -12.06 -23.59 25.43
N LEU A 211 -11.62 -24.83 25.67
CA LEU A 211 -10.74 -25.52 24.73
C LEU A 211 -11.38 -26.81 24.23
N LYS A 220 -11.81 -32.17 29.87
CA LYS A 220 -11.93 -33.56 29.45
C LYS A 220 -11.61 -34.49 30.62
N LEU A 221 -10.33 -34.64 30.93
CA LEU A 221 -9.90 -35.51 32.01
C LEU A 221 -8.55 -35.02 32.51
N PHE A 222 -8.54 -34.40 33.70
CA PHE A 222 -7.30 -33.96 34.35
C PHE A 222 -7.45 -34.17 35.85
N PRO A 223 -7.42 -35.43 36.31
CA PRO A 223 -7.68 -35.71 37.73
C PRO A 223 -6.62 -35.17 38.67
N GLY A 224 -5.36 -35.53 38.45
CA GLY A 224 -4.31 -35.16 39.38
C GLY A 224 -2.90 -35.35 38.85
N PHE A 225 -1.98 -35.77 39.73
CA PHE A 225 -0.56 -35.88 39.40
C PHE A 225 -0.04 -37.28 39.71
N GLU A 226 -0.79 -38.31 39.31
CA GLU A 226 -0.33 -39.68 39.41
C GLU A 226 0.27 -40.12 38.07
N ILE A 227 1.13 -41.14 38.13
CA ILE A 227 1.93 -41.52 36.97
C ILE A 227 1.01 -41.96 35.82
N GLU A 228 -0.02 -42.75 36.11
CA GLU A 228 -0.95 -43.17 35.08
C GLU A 228 -1.94 -42.07 34.72
N THR A 229 -2.15 -41.09 35.59
CA THR A 229 -3.02 -39.96 35.30
C THR A 229 -2.26 -38.77 34.72
N VAL A 230 -0.96 -38.90 34.51
CA VAL A 230 -0.17 -37.87 33.84
C VAL A 230 0.07 -38.22 32.38
N LYS A 231 0.38 -39.48 32.08
CA LYS A 231 0.63 -39.89 30.71
C LYS A 231 -0.62 -39.71 29.85
N ASN A 232 -1.80 -40.06 30.39
CA ASN A 232 -3.04 -39.88 29.64
C ASN A 232 -3.29 -38.41 29.34
N ASN A 233 -3.07 -37.54 30.33
CA ASN A 233 -3.24 -36.11 30.10
C ASN A 233 -2.25 -35.59 29.07
N LEU A 234 -1.00 -36.06 29.12
CA LEU A 234 -0.01 -35.64 28.13
C LEU A 234 -0.43 -36.07 26.73
N ARG A 235 -0.92 -37.30 26.59
CA ARG A 235 -1.39 -37.77 25.29
C ARG A 235 -2.55 -36.92 24.80
N ILE A 236 -3.51 -36.63 25.68
CA ILE A 236 -4.69 -35.86 25.29
C ILE A 236 -4.28 -34.47 24.84
N LEU A 237 -3.40 -33.81 25.61
CA LEU A 237 -2.99 -32.46 25.27
C LEU A 237 -2.16 -32.43 23.98
N PHE A 238 -1.30 -33.42 23.77
CA PHE A 238 -0.52 -33.46 22.54
C PHE A 238 -1.42 -33.66 21.32
N ASN A 239 -2.38 -34.58 21.43
CA ASN A 239 -3.31 -34.80 20.33
C ASN A 239 -4.16 -33.57 20.07
N ASN A 240 -4.60 -32.89 21.13
CA ASN A 240 -5.37 -31.67 20.96
C ASN A 240 -4.54 -30.56 20.32
N ALA A 241 -3.26 -30.46 20.68
CA ALA A 241 -2.39 -29.47 20.07
C ALA A 241 -2.23 -29.73 18.58
N VAL A 242 -2.01 -31.00 18.21
CA VAL A 242 -1.89 -31.34 16.80
C VAL A 242 -3.19 -31.05 16.06
N LYS A 243 -4.33 -31.39 16.68
CA LYS A 243 -5.63 -31.15 16.05
C LYS A 243 -5.88 -29.67 15.83
N LYS A 244 -5.55 -28.84 16.83
CA LYS A 244 -5.77 -27.40 16.70
C LYS A 244 -4.76 -26.74 15.77
N ARG A 245 -3.59 -27.35 15.59
CA ARG A 245 -2.65 -26.87 14.58
C ARG A 245 -3.00 -27.38 13.19
N LEU A 246 -3.88 -28.37 13.10
CA LEU A 246 -4.30 -28.88 11.79
C LEU A 246 -5.06 -27.85 10.98
N MET A 247 -5.85 -27.00 11.64
CA MET A 247 -6.77 -26.11 10.96
C MET A 247 -5.99 -25.14 10.06
N THR A 248 -6.18 -25.29 8.75
CA THR A 248 -5.57 -24.43 7.75
C THR A 248 -6.10 -24.83 6.39
N ASP A 249 -6.02 -23.90 5.44
CA ASP A 249 -6.39 -24.16 4.06
C ASP A 249 -5.19 -24.48 3.18
N ARG A 250 -4.02 -24.67 3.78
CA ARG A 250 -2.78 -24.94 3.06
C ARG A 250 -2.24 -26.32 3.43
N ARG A 251 -1.43 -26.87 2.54
CA ARG A 251 -0.89 -28.21 2.75
C ARG A 251 0.08 -28.21 3.93
N ILE A 252 0.06 -29.30 4.70
CA ILE A 252 0.87 -29.44 5.90
C ILE A 252 1.91 -30.53 5.67
N GLY A 253 3.16 -30.21 5.98
CA GLY A 253 4.23 -31.18 5.92
C GLY A 253 4.87 -31.42 7.28
N CYS A 254 5.94 -32.19 7.32
CA CYS A 254 6.61 -32.47 8.58
C CYS A 254 8.11 -32.63 8.33
N LEU A 255 8.91 -32.32 9.36
CA LEU A 255 10.35 -32.46 9.31
C LEU A 255 10.75 -33.61 10.21
N LEU A 256 11.19 -34.71 9.61
CA LEU A 256 11.59 -35.91 10.34
C LEU A 256 13.10 -35.87 10.56
N SER A 257 13.51 -35.31 11.69
CA SER A 257 14.93 -35.28 12.05
C SER A 257 15.42 -36.62 12.60
N GLY A 258 14.53 -37.58 12.82
CA GLY A 258 14.90 -38.86 13.38
C GLY A 258 14.79 -38.95 14.88
N GLY A 259 14.58 -37.83 15.57
CA GLY A 259 14.45 -37.84 17.01
C GLY A 259 13.07 -38.27 17.48
N LEU A 260 12.95 -38.40 18.80
CA LEU A 260 11.66 -38.80 19.38
C LEU A 260 10.59 -37.75 19.14
N ASP A 261 10.94 -36.47 19.29
CA ASP A 261 9.95 -35.41 19.17
C ASP A 261 9.39 -35.33 17.74
N SER A 262 10.28 -35.32 16.75
CA SER A 262 9.83 -35.23 15.36
C SER A 262 9.03 -36.46 14.96
N SER A 263 9.46 -37.64 15.40
CA SER A 263 8.74 -38.87 15.06
C SER A 263 7.35 -38.86 15.67
N LEU A 264 7.24 -38.48 16.95
CA LEU A 264 5.93 -38.42 17.59
C LEU A 264 5.03 -37.40 16.92
N VAL A 265 5.58 -36.23 16.57
CA VAL A 265 4.80 -35.21 15.89
C VAL A 265 4.31 -35.72 14.55
N ALA A 266 5.18 -36.39 13.78
CA ALA A 266 4.77 -36.91 12.48
C ALA A 266 3.68 -37.97 12.62
N ALA A 267 3.82 -38.88 13.60
CA ALA A 267 2.83 -39.93 13.77
C ALA A 267 1.48 -39.35 14.17
N THR A 268 1.47 -38.43 15.14
CA THR A 268 0.21 -37.83 15.56
C THR A 268 -0.40 -37.00 14.44
N LEU A 269 0.45 -36.29 13.68
CA LEU A 269 -0.03 -35.49 12.57
C LEU A 269 -0.69 -36.37 11.52
N LEU A 270 -0.08 -37.51 11.19
CA LEU A 270 -0.67 -38.43 10.23
C LEU A 270 -2.01 -38.99 10.75
N LYS A 271 -2.05 -39.35 12.03
CA LYS A 271 -3.28 -39.91 12.59
C LYS A 271 -4.42 -38.89 12.53
N GLN A 272 -4.14 -37.65 12.95
CA GLN A 272 -5.18 -36.62 12.92
C GLN A 272 -5.55 -36.22 11.49
N LEU A 273 -4.59 -36.25 10.56
CA LEU A 273 -4.91 -35.97 9.17
C LEU A 273 -5.82 -37.03 8.60
N LYS A 274 -5.56 -38.31 8.90
CA LYS A 274 -6.46 -39.37 8.46
C LYS A 274 -7.84 -39.22 9.12
N GLU A 275 -7.87 -38.81 10.38
CA GLU A 275 -9.14 -38.57 11.05
C GLU A 275 -9.86 -37.33 10.50
N ALA A 276 -9.15 -36.46 9.80
CA ALA A 276 -9.73 -35.23 9.27
C ALA A 276 -10.16 -35.35 7.81
N GLN A 277 -10.17 -36.56 7.26
CA GLN A 277 -10.59 -36.82 5.88
C GLN A 277 -9.77 -35.97 4.90
N VAL A 278 -8.46 -35.97 5.09
CA VAL A 278 -7.55 -35.22 4.24
C VAL A 278 -7.08 -36.12 3.10
N GLN A 279 -7.14 -35.59 1.88
CA GLN A 279 -6.82 -36.40 0.70
C GLN A 279 -5.32 -36.47 0.43
N TYR A 280 -4.62 -35.34 0.56
CA TYR A 280 -3.21 -35.32 0.21
C TYR A 280 -2.39 -36.13 1.21
N PRO A 281 -1.45 -36.94 0.74
CA PRO A 281 -0.57 -37.66 1.67
C PRO A 281 0.41 -36.72 2.35
N LEU A 282 0.81 -37.09 3.56
CA LEU A 282 1.77 -36.29 4.31
C LEU A 282 3.16 -36.41 3.70
N GLN A 283 3.86 -35.28 3.60
CA GLN A 283 5.21 -35.23 3.07
C GLN A 283 6.17 -34.98 4.23
N THR A 284 6.97 -35.98 4.56
CA THR A 284 7.97 -35.88 5.61
C THR A 284 9.34 -35.65 5.00
N PHE A 285 10.11 -34.75 5.60
CA PHE A 285 11.38 -34.30 5.05
C PHE A 285 12.50 -34.57 6.05
N ALA A 286 13.64 -35.05 5.53
CA ALA A 286 14.81 -35.33 6.34
C ALA A 286 16.05 -34.82 5.61
N ILE A 287 16.96 -34.21 6.38
CA ILE A 287 18.20 -33.67 5.84
C ILE A 287 19.37 -34.24 6.65
N GLY A 288 20.44 -34.60 5.95
CA GLY A 288 21.60 -35.15 6.62
C GLY A 288 22.62 -35.63 5.61
N MET A 289 23.71 -36.18 6.13
CA MET A 289 24.78 -36.72 5.30
C MET A 289 24.40 -38.11 4.81
N GLU A 290 25.28 -38.70 4.01
CA GLU A 290 25.03 -40.03 3.45
C GLU A 290 25.00 -41.08 4.56
N ASP A 291 24.03 -41.99 4.47
CA ASP A 291 23.82 -43.11 5.39
C ASP A 291 23.97 -42.71 6.85
N SER A 292 23.57 -41.49 7.19
CA SER A 292 23.62 -41.05 8.58
C SER A 292 22.57 -41.79 9.40
N PRO A 293 22.85 -42.06 10.67
CA PRO A 293 21.85 -42.72 11.52
C PRO A 293 20.56 -41.91 11.66
N ASP A 294 20.64 -40.58 11.64
CA ASP A 294 19.43 -39.77 11.69
C ASP A 294 18.56 -40.00 10.46
N LEU A 295 19.17 -40.07 9.28
CA LEU A 295 18.41 -40.34 8.07
C LEU A 295 17.81 -41.73 8.09
N LEU A 296 18.55 -42.72 8.62
CA LEU A 296 18.00 -44.06 8.74
C LEU A 296 16.80 -44.09 9.68
N ALA A 297 16.88 -43.36 10.81
CA ALA A 297 15.75 -43.29 11.73
C ALA A 297 14.55 -42.60 11.08
N ALA A 298 14.80 -41.53 10.32
CA ALA A 298 13.71 -40.84 9.64
C ALA A 298 13.05 -41.74 8.61
N ARG A 299 13.84 -42.50 7.85
CA ARG A 299 13.28 -43.45 6.89
C ARG A 299 12.48 -44.54 7.59
N LYS A 300 12.98 -45.02 8.73
CA LYS A 300 12.24 -46.03 9.50
C LYS A 300 10.90 -45.50 9.96
N VAL A 301 10.87 -44.26 10.48
CA VAL A 301 9.62 -43.67 10.92
C VAL A 301 8.66 -43.49 9.74
N ALA A 302 9.18 -43.01 8.60
CA ALA A 302 8.34 -42.80 7.44
C ALA A 302 7.75 -44.12 6.93
N ASP A 303 8.55 -45.19 6.92
CA ASP A 303 8.04 -46.48 6.51
C ASP A 303 7.03 -47.02 7.51
N HIS A 304 7.26 -46.79 8.81
CA HIS A 304 6.31 -47.26 9.82
C HIS A 304 4.97 -46.54 9.69
N ILE A 305 4.98 -45.25 9.41
CA ILE A 305 3.72 -44.50 9.28
C ILE A 305 3.20 -44.48 7.84
N GLY A 306 4.05 -44.69 6.85
CA GLY A 306 3.62 -44.66 5.47
C GLY A 306 3.36 -43.27 4.95
N SER A 307 4.40 -42.43 4.95
CA SER A 307 4.32 -41.06 4.47
C SER A 307 5.26 -40.86 3.29
N GLU A 308 4.97 -39.82 2.50
CA GLU A 308 5.77 -39.49 1.34
C GLU A 308 7.07 -38.85 1.82
N HIS A 309 8.07 -39.68 2.06
CA HIS A 309 9.34 -39.22 2.61
C HIS A 309 10.19 -38.60 1.50
N TYR A 310 10.74 -37.42 1.78
CA TYR A 310 11.63 -36.72 0.85
C TYR A 310 12.98 -36.53 1.55
N GLU A 311 13.97 -37.33 1.16
CA GLU A 311 15.30 -37.25 1.75
C GLU A 311 16.16 -36.27 0.96
N VAL A 312 16.86 -35.40 1.68
CA VAL A 312 17.75 -34.41 1.08
C VAL A 312 19.16 -34.70 1.55
N LEU A 313 20.08 -34.89 0.60
CA LEU A 313 21.46 -35.22 0.92
C LEU A 313 22.25 -33.93 1.10
N PHE A 314 22.82 -33.75 2.30
CA PHE A 314 23.57 -32.55 2.62
C PHE A 314 24.95 -32.62 2.00
N ASN A 315 25.32 -31.59 1.24
CA ASN A 315 26.67 -31.42 0.73
C ASN A 315 27.30 -30.20 1.39
N SER A 316 28.56 -30.34 1.80
CA SER A 316 29.20 -29.32 2.61
C SER A 316 29.34 -27.99 1.86
N GLU A 317 29.57 -28.05 0.55
CA GLU A 317 29.77 -26.83 -0.21
C GLU A 317 28.55 -25.92 -0.17
N GLU A 318 27.35 -26.52 -0.24
CA GLU A 318 26.14 -25.71 -0.17
C GLU A 318 26.03 -25.00 1.18
N GLY A 319 26.37 -25.69 2.27
CA GLY A 319 26.36 -25.05 3.57
C GLY A 319 27.39 -23.94 3.70
N ILE A 320 28.58 -24.16 3.14
CA ILE A 320 29.62 -23.13 3.17
C ILE A 320 29.16 -21.90 2.40
N GLN A 321 28.49 -22.10 1.26
CA GLN A 321 28.02 -20.96 0.48
C GLN A 321 26.82 -20.29 1.12
N ALA A 322 26.00 -21.04 1.85
CA ALA A 322 24.79 -20.51 2.46
C ALA A 322 24.99 -20.03 3.89
N LEU A 323 26.22 -20.11 4.42
CA LEU A 323 26.50 -19.56 5.73
C LEU A 323 26.08 -18.09 5.81
N ASP A 324 26.46 -17.29 4.80
CA ASP A 324 26.10 -15.88 4.82
C ASP A 324 24.60 -15.68 4.78
N GLU A 325 23.90 -16.45 3.94
CA GLU A 325 22.45 -16.31 3.84
C GLU A 325 21.75 -16.69 5.13
N VAL A 326 22.20 -17.76 5.78
CA VAL A 326 21.55 -18.18 7.03
C VAL A 326 21.87 -17.21 8.15
N ILE A 327 23.06 -16.60 8.15
CA ILE A 327 23.35 -15.57 9.15
C ILE A 327 22.50 -14.33 8.91
N PHE A 328 22.29 -13.96 7.64
CA PHE A 328 21.45 -12.82 7.32
C PHE A 328 19.99 -13.07 7.74
N SER A 329 19.48 -14.27 7.45
CA SER A 329 18.08 -14.56 7.76
C SER A 329 17.86 -14.72 9.26
N LEU A 330 18.74 -15.47 9.93
CA LEU A 330 18.58 -15.74 11.35
C LEU A 330 18.88 -14.53 12.21
N GLU A 331 19.66 -13.56 11.69
CA GLU A 331 19.96 -12.32 12.41
C GLU A 331 20.63 -12.61 13.76
N THR A 332 21.54 -13.59 13.78
CA THR A 332 22.24 -13.96 14.99
C THR A 332 23.62 -14.49 14.64
N TYR A 333 24.50 -14.47 15.63
CA TYR A 333 25.87 -14.94 15.47
C TYR A 333 26.21 -16.11 16.37
N ASP A 334 25.22 -16.66 17.09
CA ASP A 334 25.48 -17.82 17.94
C ASP A 334 25.83 -19.03 17.09
N ILE A 335 26.84 -19.77 17.54
CA ILE A 335 27.39 -20.86 16.73
C ILE A 335 26.37 -21.99 16.59
N THR A 336 25.77 -22.41 17.69
CA THR A 336 24.92 -23.60 17.68
C THR A 336 23.70 -23.41 16.78
N THR A 337 23.06 -22.26 16.86
CA THR A 337 21.86 -22.04 16.04
C THR A 337 22.21 -21.95 14.57
N VAL A 338 23.35 -21.36 14.22
CA VAL A 338 23.76 -21.31 12.81
C VAL A 338 24.05 -22.70 12.29
N ARG A 339 24.77 -23.51 13.06
CA ARG A 339 25.08 -24.88 12.63
C ARG A 339 23.81 -25.70 12.47
N ALA A 340 22.85 -25.55 13.40
CA ALA A 340 21.61 -26.29 13.30
C ALA A 340 20.64 -25.71 12.26
N SER A 341 20.85 -24.47 11.85
CA SER A 341 19.94 -23.79 10.94
C SER A 341 20.38 -23.83 9.49
N VAL A 342 21.65 -24.10 9.20
CA VAL A 342 22.08 -24.25 7.81
C VAL A 342 21.29 -25.37 7.13
N GLY A 343 21.22 -26.53 7.78
CA GLY A 343 20.48 -27.64 7.20
C GLY A 343 18.99 -27.36 7.12
N MET A 344 18.45 -26.66 8.11
CA MET A 344 17.03 -26.31 8.08
C MET A 344 16.73 -25.36 6.93
N TYR A 345 17.62 -24.39 6.67
CA TYR A 345 17.46 -23.50 5.53
C TYR A 345 17.49 -24.28 4.22
N LEU A 346 18.45 -25.22 4.09
CA LEU A 346 18.53 -26.00 2.87
C LEU A 346 17.27 -26.87 2.68
N ILE A 347 16.80 -27.49 3.75
CA ILE A 347 15.62 -28.35 3.64
C ILE A 347 14.37 -27.52 3.35
N SER A 348 14.28 -26.30 3.90
CA SER A 348 13.16 -25.43 3.57
C SER A 348 13.19 -25.00 2.12
N LYS A 349 14.39 -24.72 1.60
CA LYS A 349 14.52 -24.42 0.17
C LYS A 349 14.07 -25.60 -0.68
N TYR A 350 14.47 -26.81 -0.29
CA TYR A 350 14.04 -28.00 -1.02
C TYR A 350 12.52 -28.17 -0.97
N ILE A 351 11.92 -27.94 0.20
CA ILE A 351 10.48 -28.07 0.35
C ILE A 351 9.76 -27.07 -0.54
N ARG A 352 10.22 -25.81 -0.54
CA ARG A 352 9.59 -24.80 -1.37
C ARG A 352 9.73 -25.16 -2.85
N LYS A 353 10.91 -25.64 -3.25
CA LYS A 353 11.17 -25.89 -4.67
C LYS A 353 10.40 -27.09 -5.18
N ASN A 354 10.68 -28.27 -4.62
CA ASN A 354 10.21 -29.53 -5.21
C ASN A 354 8.89 -30.01 -4.65
N THR A 355 8.33 -29.36 -3.64
CA THR A 355 7.07 -29.78 -3.05
C THR A 355 6.12 -28.59 -2.93
N ASP A 356 4.85 -28.90 -2.67
CA ASP A 356 3.80 -27.89 -2.52
C ASP A 356 3.28 -27.82 -1.09
N SER A 357 4.09 -28.21 -0.11
CA SER A 357 3.71 -28.12 1.30
C SER A 357 4.34 -26.87 1.91
N VAL A 358 3.51 -25.99 2.45
CA VAL A 358 3.96 -24.73 3.04
C VAL A 358 3.95 -24.80 4.56
N VAL A 359 2.87 -25.30 5.14
CA VAL A 359 2.81 -25.45 6.59
C VAL A 359 3.71 -26.60 7.02
N ILE A 360 4.63 -26.33 7.94
CA ILE A 360 5.64 -27.28 8.37
C ILE A 360 5.51 -27.47 9.87
N PHE A 361 5.40 -28.72 10.30
CA PHE A 361 5.32 -29.07 11.72
C PHE A 361 6.65 -29.67 12.17
N SER A 362 7.19 -29.14 13.26
CA SER A 362 8.46 -29.59 13.80
C SER A 362 8.33 -29.75 15.30
N GLY A 363 9.19 -30.61 15.86
CA GLY A 363 9.17 -30.86 17.29
C GLY A 363 10.06 -29.92 18.08
N GLU A 364 10.10 -28.65 17.68
CA GLU A 364 10.92 -27.67 18.38
C GLU A 364 10.35 -27.37 19.75
N GLY A 365 11.23 -27.23 20.74
CA GLY A 365 10.83 -26.93 22.10
C GLY A 365 10.70 -28.14 23.00
N SER A 366 10.73 -29.35 22.44
CA SER A 366 10.61 -30.55 23.26
C SER A 366 11.84 -30.74 24.15
N ASP A 367 13.04 -30.50 23.59
CA ASP A 367 14.26 -30.73 24.34
C ASP A 367 14.39 -29.76 25.51
N GLU A 368 13.87 -28.55 25.36
CA GLU A 368 13.91 -27.53 26.41
C GLU A 368 12.74 -27.61 27.37
N LEU A 369 11.80 -28.54 27.16
CA LEU A 369 10.66 -28.70 28.04
C LEU A 369 10.57 -30.09 28.66
N THR A 370 10.99 -31.12 27.93
CA THR A 370 10.98 -32.50 28.41
C THR A 370 12.34 -32.94 28.94
N GLN A 371 13.22 -32.00 29.28
CA GLN A 371 14.56 -32.30 29.79
C GLN A 371 15.32 -33.21 28.84
N GLY A 372 15.25 -32.90 27.54
CA GLY A 372 15.83 -33.74 26.52
C GLY A 372 17.31 -33.57 26.26
N TYR A 373 17.96 -32.60 26.91
CA TYR A 373 19.37 -32.36 26.69
C TYR A 373 20.22 -33.24 27.58
N ILE A 374 21.42 -33.58 27.10
CA ILE A 374 22.30 -34.52 27.80
C ILE A 374 22.76 -33.95 29.13
N TYR A 375 23.12 -32.66 29.16
CA TYR A 375 23.68 -32.08 30.37
C TYR A 375 22.70 -32.07 31.54
N PHE A 376 21.40 -32.26 31.27
CA PHE A 376 20.43 -32.37 32.34
C PHE A 376 20.69 -33.59 33.22
N HIS A 377 21.47 -34.56 32.73
CA HIS A 377 21.88 -35.68 33.55
C HIS A 377 22.80 -35.25 34.69
N LYS A 378 23.39 -34.06 34.61
CA LYS A 378 24.29 -33.56 35.63
C LYS A 378 23.64 -32.49 36.51
N ALA A 379 22.32 -32.46 36.57
CA ALA A 379 21.63 -31.47 37.39
C ALA A 379 21.80 -31.82 38.87
N PRO A 380 22.32 -30.88 39.68
CA PRO A 380 22.49 -31.20 41.12
C PRO A 380 21.19 -31.54 41.82
N SER A 381 20.09 -30.90 41.45
CA SER A 381 18.79 -31.16 42.07
C SER A 381 17.72 -31.04 41.01
N PRO A 382 16.59 -31.71 41.17
CA PRO A 382 15.49 -31.55 40.20
C PRO A 382 14.98 -30.12 40.10
N GLU A 383 15.02 -29.36 41.19
CA GLU A 383 14.61 -27.96 41.12
C GLU A 383 15.52 -27.15 40.20
N LYS A 384 16.82 -27.42 40.25
CA LYS A 384 17.74 -26.75 39.34
C LYS A 384 17.43 -27.10 37.89
N ALA A 385 17.10 -28.37 37.62
CA ALA A 385 16.73 -28.76 36.26
C ALA A 385 15.46 -28.06 35.80
N GLU A 386 14.47 -27.95 36.69
CA GLU A 386 13.24 -27.25 36.34
C GLU A 386 13.51 -25.77 36.06
N GLU A 387 14.34 -25.14 36.88
CA GLU A 387 14.68 -23.74 36.65
C GLU A 387 15.42 -23.56 35.32
N GLU A 388 16.34 -24.49 35.01
CA GLU A 388 17.06 -24.41 33.74
C GLU A 388 16.11 -24.59 32.56
N SER A 389 15.15 -25.52 32.68
CA SER A 389 14.17 -25.71 31.61
C SER A 389 13.32 -24.46 31.41
N GLU A 390 12.88 -23.85 32.51
CA GLU A 390 12.09 -22.62 32.39
C GLU A 390 12.90 -21.49 31.78
N ARG A 391 14.18 -21.37 32.16
CA ARG A 391 15.03 -20.35 31.58
C ARG A 391 15.24 -20.58 30.09
N LEU A 392 15.42 -21.84 29.68
CA LEU A 392 15.55 -22.16 28.27
C LEU A 392 14.28 -21.80 27.51
N LEU A 393 13.11 -22.08 28.10
CA LEU A 393 11.86 -21.73 27.46
C LEU A 393 11.71 -20.22 27.33
N ARG A 394 12.14 -19.47 28.36
CA ARG A 394 12.09 -18.01 28.27
C ARG A 394 13.01 -17.49 27.18
N GLU A 395 14.20 -18.06 27.05
CA GLU A 395 15.18 -17.64 26.05
C GLU A 395 15.07 -18.42 24.75
N LEU A 396 13.92 -19.05 24.49
CA LEU A 396 13.76 -19.84 23.29
C LEU A 396 13.58 -18.98 22.04
N TYR A 397 13.22 -17.71 22.20
CA TYR A 397 13.03 -16.81 21.07
C TYR A 397 14.35 -16.36 20.45
N LEU A 398 15.49 -16.83 20.95
CA LEU A 398 16.79 -16.47 20.43
C LEU A 398 17.60 -17.62 19.86
N PHE A 399 17.30 -18.87 20.23
CA PHE A 399 18.17 -20.00 19.90
C PHE A 399 17.56 -20.97 18.91
N ASP A 400 16.41 -21.57 19.24
CA ASP A 400 15.82 -22.62 18.41
C ASP A 400 14.58 -22.15 17.67
N VAL A 401 13.69 -21.42 18.35
CA VAL A 401 12.54 -20.84 17.67
C VAL A 401 13.00 -19.87 16.60
N LEU A 402 14.07 -19.11 16.86
CA LEU A 402 14.66 -18.27 15.82
C LEU A 402 15.15 -19.12 14.66
N ARG A 403 15.90 -20.18 14.95
CA ARG A 403 16.42 -21.04 13.89
C ARG A 403 15.30 -21.72 13.12
N ALA A 404 14.28 -22.21 13.82
CA ALA A 404 13.18 -22.91 13.18
C ALA A 404 12.17 -21.98 12.52
N ASP A 405 12.27 -20.67 12.76
CA ASP A 405 11.26 -19.73 12.28
C ASP A 405 11.81 -18.83 11.18
N ARG A 406 12.95 -18.18 11.40
CA ARG A 406 13.51 -17.30 10.36
C ARG A 406 13.89 -18.08 9.12
N THR A 407 14.54 -19.22 9.28
CA THR A 407 14.93 -20.04 8.13
C THR A 407 13.70 -20.55 7.39
N THR A 408 12.66 -20.96 8.14
CA THR A 408 11.43 -21.44 7.51
C THR A 408 10.74 -20.33 6.73
N ALA A 409 10.66 -19.13 7.31
CA ALA A 409 9.98 -18.01 6.67
C ALA A 409 10.80 -17.38 5.55
N ALA A 410 12.10 -17.65 5.49
CA ALA A 410 12.92 -17.13 4.39
C ALA A 410 12.54 -17.72 3.04
N HIS A 411 11.76 -18.80 3.01
CA HIS A 411 11.33 -19.42 1.77
C HIS A 411 9.82 -19.43 1.62
N GLY A 412 9.12 -18.53 2.31
CA GLY A 412 7.67 -18.47 2.24
C GLY A 412 6.98 -19.69 2.82
N LEU A 413 7.45 -20.19 3.96
CA LEU A 413 6.87 -21.34 4.62
C LEU A 413 6.47 -20.98 6.04
N GLU A 414 5.52 -21.72 6.59
CA GLU A 414 5.00 -21.49 7.93
C GLU A 414 5.42 -22.62 8.86
N LEU A 415 5.63 -22.28 10.12
CA LEU A 415 6.12 -23.21 11.13
C LEU A 415 5.04 -23.46 12.19
N ARG A 416 4.87 -24.73 12.55
CA ARG A 416 3.99 -25.12 13.65
C ARG A 416 4.80 -25.96 14.64
N VAL A 417 4.69 -25.61 15.92
CA VAL A 417 5.41 -26.32 16.97
C VAL A 417 4.41 -26.80 18.02
N PRO A 418 3.86 -28.01 17.88
CA PRO A 418 2.88 -28.49 18.86
C PRO A 418 3.42 -28.59 20.28
N PHE A 419 4.73 -28.80 20.44
CA PHE A 419 5.29 -28.91 21.78
C PHE A 419 5.30 -27.57 22.51
N LEU A 420 5.11 -26.47 21.81
CA LEU A 420 5.14 -25.13 22.40
C LEU A 420 3.75 -24.56 22.63
N ASP A 421 2.71 -25.39 22.57
CA ASP A 421 1.36 -24.91 22.88
C ASP A 421 1.25 -24.55 24.36
N HIS A 422 0.25 -23.74 24.68
CA HIS A 422 0.13 -23.23 26.04
C HIS A 422 -0.26 -24.33 27.03
N ARG A 423 -1.29 -25.11 26.70
CA ARG A 423 -1.87 -26.03 27.69
C ARG A 423 -0.92 -27.19 27.99
N PHE A 424 -0.40 -27.84 26.96
CA PHE A 424 0.46 -29.01 27.18
C PHE A 424 1.76 -28.62 27.86
N SER A 425 2.38 -27.53 27.42
CA SER A 425 3.61 -27.07 28.07
C SER A 425 3.37 -26.65 29.51
N SER A 426 2.24 -25.96 29.77
CA SER A 426 1.93 -25.56 31.13
C SER A 426 1.72 -26.78 32.03
N TYR A 427 1.01 -27.79 31.54
CA TYR A 427 0.79 -29.00 32.33
C TYR A 427 2.11 -29.74 32.58
N TYR A 428 2.96 -29.82 31.56
CA TYR A 428 4.25 -30.50 31.73
C TYR A 428 5.12 -29.76 32.74
N LEU A 429 5.13 -28.43 32.69
CA LEU A 429 5.92 -27.66 33.64
C LEU A 429 5.31 -27.68 35.04
N SER A 430 4.00 -27.93 35.15
CA SER A 430 3.36 -28.03 36.45
C SER A 430 3.56 -29.39 37.11
N LEU A 431 4.15 -30.35 36.40
CA LEU A 431 4.42 -31.65 36.98
C LEU A 431 5.51 -31.55 38.05
N PRO A 432 5.52 -32.46 39.02
CA PRO A 432 6.59 -32.47 40.02
C PRO A 432 7.94 -32.69 39.35
N PRO A 433 8.99 -32.02 39.85
CA PRO A 433 10.30 -32.12 39.20
C PRO A 433 10.90 -33.52 39.22
N GLU A 434 10.44 -34.39 40.13
CA GLU A 434 10.98 -35.75 40.17
C GLU A 434 10.53 -36.59 38.98
N MET A 435 9.49 -36.17 38.27
CA MET A 435 9.00 -36.91 37.11
C MET A 435 9.62 -36.44 35.80
N ARG A 436 9.92 -35.14 35.68
CA ARG A 436 10.54 -34.64 34.45
C ARG A 436 11.99 -35.06 34.35
N ILE A 437 12.67 -35.23 35.48
CA ILE A 437 14.08 -35.59 35.51
C ILE A 437 14.26 -36.98 34.89
N PRO A 438 15.39 -37.25 34.24
CA PRO A 438 15.63 -38.62 33.75
C PRO A 438 15.64 -39.61 34.91
N LYS A 439 15.13 -40.81 34.63
CA LYS A 439 14.90 -41.82 35.66
C LYS A 439 15.88 -42.98 35.57
N ASN A 440 15.99 -43.62 34.41
CA ASN A 440 16.81 -44.80 34.24
C ASN A 440 17.91 -44.57 33.20
N GLY A 441 18.53 -43.38 33.25
CA GLY A 441 19.64 -43.07 32.37
C GLY A 441 19.26 -42.52 31.01
N ILE A 442 17.97 -42.40 30.71
CA ILE A 442 17.51 -41.87 29.43
C ILE A 442 16.71 -40.61 29.69
N GLU A 443 16.98 -39.57 28.90
CA GLU A 443 16.31 -38.30 29.05
C GLU A 443 14.88 -38.38 28.49
N LYS A 444 14.03 -37.48 28.99
CA LYS A 444 12.63 -37.41 28.56
C LYS A 444 11.92 -38.75 28.72
N HIS A 445 12.15 -39.41 29.87
CA HIS A 445 11.58 -40.73 30.09
C HIS A 445 10.06 -40.70 30.12
N LEU A 446 9.49 -39.65 30.69
CA LEU A 446 8.03 -39.57 30.79
C LEU A 446 7.39 -39.49 29.41
N LEU A 447 7.97 -38.70 28.50
CA LEU A 447 7.41 -38.59 27.16
C LEU A 447 7.50 -39.90 26.41
N ARG A 448 8.61 -40.62 26.57
CA ARG A 448 8.74 -41.95 25.95
C ARG A 448 7.73 -42.92 26.52
N GLU A 449 7.51 -42.87 27.84
CA GLU A 449 6.55 -43.78 28.47
C GLU A 449 5.12 -43.47 28.07
N THR A 450 4.80 -42.21 27.85
CA THR A 450 3.42 -41.82 27.54
C THR A 450 2.93 -42.38 26.20
N PHE A 451 3.84 -42.87 25.35
CA PHE A 451 3.46 -43.38 24.03
C PHE A 451 3.96 -44.81 23.83
N GLU A 452 3.98 -45.61 24.91
CA GLU A 452 4.44 -46.99 24.78
C GLU A 452 3.42 -47.87 24.09
N ASP A 453 2.13 -47.70 24.43
CA ASP A 453 1.09 -48.56 23.89
C ASP A 453 0.40 -47.98 22.67
N SER A 454 0.58 -46.68 22.39
CA SER A 454 -0.08 -46.07 21.24
C SER A 454 0.47 -46.59 19.91
N ASN A 455 1.67 -47.17 19.92
CA ASN A 455 2.31 -47.71 18.71
C ASN A 455 2.44 -46.64 17.63
N LEU A 456 2.72 -45.40 18.06
CA LEU A 456 2.89 -44.30 17.12
C LEU A 456 4.16 -44.47 16.30
N ILE A 457 5.27 -44.79 16.94
CA ILE A 457 6.56 -44.89 16.28
C ILE A 457 7.23 -46.19 16.71
N PRO A 458 8.18 -46.70 15.93
CA PRO A 458 8.83 -47.96 16.29
C PRO A 458 9.54 -47.89 17.63
N LYS A 459 9.58 -49.04 18.31
CA LYS A 459 10.12 -49.10 19.66
C LYS A 459 11.60 -48.72 19.69
N GLU A 460 12.37 -49.17 18.69
CA GLU A 460 13.80 -48.89 18.66
C GLU A 460 14.10 -47.40 18.56
N ILE A 461 13.12 -46.60 18.15
CA ILE A 461 13.31 -45.16 17.99
C ILE A 461 12.70 -44.46 19.19
N LEU A 462 11.67 -45.07 19.77
CA LEU A 462 11.07 -44.52 20.98
C LEU A 462 12.08 -44.44 22.11
N TRP A 463 12.91 -45.46 22.28
CA TRP A 463 13.94 -45.51 23.32
C TRP A 463 15.30 -45.47 22.63
N ARG A 464 15.88 -44.28 22.53
CA ARG A 464 17.19 -44.12 21.93
C ARG A 464 17.82 -42.79 22.33
N VAL A 476 36.40 -39.61 13.17
CA VAL A 476 35.26 -39.55 12.27
C VAL A 476 33.97 -39.82 13.03
N LYS A 477 33.30 -38.75 13.46
CA LYS A 477 32.06 -38.88 14.21
C LYS A 477 31.22 -37.63 13.93
N ASN A 478 30.09 -37.81 13.26
CA ASN A 478 29.21 -36.70 12.85
C ASN A 478 30.01 -35.68 12.05
N SER A 479 30.51 -36.14 10.89
CA SER A 479 31.47 -35.37 10.10
C SER A 479 30.76 -34.27 9.31
N TRP A 480 30.19 -33.32 10.06
CA TRP A 480 29.68 -32.09 9.48
C TRP A 480 30.36 -30.85 10.06
N PHE A 481 30.46 -30.77 11.38
CA PHE A 481 31.09 -29.61 12.01
C PHE A 481 32.58 -29.52 11.70
N LYS A 482 33.21 -30.62 11.29
CA LYS A 482 34.62 -30.57 10.94
C LYS A 482 34.87 -29.69 9.73
N ILE A 483 33.98 -29.74 8.74
CA ILE A 483 34.12 -28.92 7.55
C ILE A 483 34.00 -27.44 7.92
N LEU A 484 33.00 -27.10 8.74
CA LEU A 484 32.85 -25.73 9.20
C LEU A 484 34.08 -25.26 9.97
N GLN A 485 34.58 -26.11 10.87
CA GLN A 485 35.74 -25.74 11.68
C GLN A 485 36.95 -25.48 10.81
N GLU A 486 37.24 -26.37 9.86
CA GLU A 486 38.41 -26.20 9.01
C GLU A 486 38.25 -24.99 8.09
N TYR A 487 37.05 -24.77 7.55
CA TYR A 487 36.83 -23.62 6.68
C TYR A 487 37.04 -22.31 7.43
N VAL A 488 36.49 -22.22 8.64
CA VAL A 488 36.65 -21.00 9.42
C VAL A 488 38.09 -20.82 9.86
N GLU A 489 38.76 -21.91 10.23
CA GLU A 489 40.17 -21.84 10.61
C GLU A 489 41.02 -21.32 9.46
N HIS A 490 40.73 -21.78 8.24
CA HIS A 490 41.47 -21.29 7.08
C HIS A 490 41.10 -19.85 6.76
N GLN A 491 39.87 -19.43 7.06
CA GLN A 491 39.40 -18.10 6.70
C GLN A 491 39.62 -17.05 7.77
N VAL A 492 39.97 -17.44 9.00
CA VAL A 492 40.12 -16.50 10.10
C VAL A 492 41.56 -16.58 10.60
N ASP A 493 42.21 -15.41 10.70
CA ASP A 493 43.57 -15.33 11.18
C ASP A 493 43.62 -15.33 12.70
N ASP A 494 44.74 -15.82 13.24
CA ASP A 494 44.93 -15.82 14.69
C ASP A 494 45.15 -14.41 15.23
N ALA A 495 45.76 -13.53 14.43
CA ALA A 495 45.97 -12.16 14.86
C ALA A 495 44.66 -11.45 15.10
N MET A 496 43.67 -11.68 14.24
CA MET A 496 42.34 -11.11 14.46
C MET A 496 41.71 -11.65 15.72
N MET A 497 41.89 -12.95 15.99
CA MET A 497 41.34 -13.53 17.21
C MET A 497 41.96 -12.91 18.45
N ALA A 498 43.27 -12.65 18.41
CA ALA A 498 43.91 -11.93 19.52
C ALA A 498 43.39 -10.50 19.61
N ASN A 499 43.13 -9.87 18.45
CA ASN A 499 42.63 -8.50 18.40
C ASN A 499 41.16 -8.43 18.78
N ALA A 500 40.44 -9.56 18.72
CA ALA A 500 38.99 -9.56 18.88
C ALA A 500 38.53 -9.02 20.22
N ALA A 501 39.43 -8.96 21.21
CA ALA A 501 39.06 -8.37 22.50
C ALA A 501 38.69 -6.90 22.35
N GLN A 502 39.43 -6.16 21.53
CA GLN A 502 39.16 -4.74 21.30
C GLN A 502 38.45 -4.48 19.98
N LYS A 503 38.01 -5.53 19.28
CA LYS A 503 37.23 -5.37 18.06
C LYS A 503 35.75 -5.68 18.24
N PHE A 504 35.42 -6.63 19.12
CA PHE A 504 34.03 -6.95 19.45
C PHE A 504 33.91 -6.91 20.97
N PRO A 505 33.86 -5.70 21.55
CA PRO A 505 33.80 -5.61 23.01
C PRO A 505 32.59 -6.29 23.64
N PHE A 506 31.44 -6.26 22.96
CA PHE A 506 30.24 -6.90 23.46
C PHE A 506 30.12 -8.30 22.87
N ASN A 507 30.01 -9.31 23.75
CA ASN A 507 29.94 -10.70 23.34
C ASN A 507 31.15 -11.10 22.48
N THR A 508 32.32 -10.99 23.09
CA THR A 508 33.56 -11.28 22.38
C THR A 508 33.63 -12.77 22.06
N PRO A 509 33.81 -13.15 20.79
CA PRO A 509 33.90 -14.58 20.46
C PRO A 509 35.12 -15.22 21.10
N LYS A 510 34.96 -16.46 21.54
CA LYS A 510 36.05 -17.21 22.15
C LYS A 510 36.72 -18.18 21.19
N THR A 511 36.07 -18.54 20.09
CA THR A 511 36.62 -19.41 19.07
C THR A 511 36.62 -18.69 17.73
N LYS A 512 37.26 -19.33 16.74
CA LYS A 512 37.30 -18.75 15.41
C LYS A 512 35.94 -18.80 14.72
N GLU A 513 35.16 -19.86 14.97
CA GLU A 513 33.85 -19.98 14.34
C GLU A 513 32.93 -18.85 14.79
N GLY A 514 32.92 -18.55 16.09
CA GLY A 514 32.17 -17.41 16.57
C GLY A 514 32.66 -16.10 16.00
N TYR A 515 33.98 -15.97 15.82
CA TYR A 515 34.54 -14.76 15.22
C TYR A 515 34.05 -14.57 13.80
N TYR A 516 34.05 -15.64 13.00
CA TYR A 516 33.59 -15.52 11.62
C TYR A 516 32.09 -15.24 11.55
N TYR A 517 31.30 -15.91 12.40
CA TYR A 517 29.87 -15.62 12.45
C TYR A 517 29.61 -14.17 12.83
N ARG A 518 30.34 -13.66 13.82
CA ARG A 518 30.19 -12.28 14.22
C ARG A 518 30.61 -11.32 13.10
N GLN A 519 31.67 -11.66 12.39
CA GLN A 519 32.12 -10.82 11.28
C GLN A 519 31.04 -10.73 10.20
N VAL A 520 30.47 -11.87 9.83
CA VAL A 520 29.40 -11.85 8.81
C VAL A 520 28.19 -11.09 9.33
N PHE A 521 27.83 -11.30 10.60
CA PHE A 521 26.65 -10.64 11.17
C PHE A 521 26.83 -9.14 11.21
N GLU A 522 28.02 -8.65 11.58
CA GLU A 522 28.29 -7.23 11.58
C GLU A 522 28.36 -6.68 10.15
N ARG A 523 28.83 -7.48 9.20
CA ARG A 523 28.81 -7.05 7.81
C ARG A 523 27.38 -6.83 7.32
N HIS A 524 26.47 -7.72 7.72
CA HIS A 524 25.07 -7.53 7.35
C HIS A 524 24.39 -6.50 8.24
N TYR A 525 24.62 -6.58 9.55
CA TYR A 525 24.02 -5.65 10.52
C TYR A 525 25.13 -4.94 11.30
N PRO A 526 25.47 -3.71 10.93
CA PRO A 526 26.64 -3.05 11.54
C PRO A 526 26.27 -2.41 12.88
N GLY A 527 27.00 -2.79 13.93
CA GLY A 527 26.89 -2.16 15.22
C GLY A 527 25.74 -2.61 16.09
N ARG A 528 24.91 -3.53 15.61
CA ARG A 528 23.76 -4.04 16.36
C ARG A 528 24.05 -5.49 16.74
N ALA A 529 24.72 -5.67 17.88
CA ALA A 529 25.08 -6.99 18.37
C ALA A 529 24.52 -7.26 19.76
N ASP A 530 23.57 -6.46 20.21
CA ASP A 530 22.94 -6.63 21.51
C ASP A 530 21.77 -7.61 21.48
N TRP A 531 21.44 -8.15 20.31
CA TRP A 531 20.33 -9.10 20.19
C TRP A 531 20.65 -10.45 20.83
N LEU A 532 21.91 -10.71 21.16
CA LEU A 532 22.31 -11.94 21.84
C LEU A 532 23.24 -11.59 22.99
N SER A 533 23.16 -12.37 24.07
CA SER A 533 24.00 -12.14 25.23
C SER A 533 24.61 -13.40 25.84
N HIS A 534 24.27 -14.58 25.33
CA HIS A 534 24.81 -15.85 25.83
C HIS A 534 24.67 -16.89 24.73
N TYR A 535 25.34 -18.02 24.92
CA TYR A 535 25.39 -19.04 23.87
C TYR A 535 24.66 -20.32 24.26
N TRP A 536 25.12 -21.03 25.29
CA TRP A 536 24.58 -22.35 25.60
C TRP A 536 25.24 -23.01 26.80
N MET A 537 24.75 -24.20 27.17
CA MET A 537 25.41 -25.17 28.04
C MET A 537 25.71 -24.68 29.44
N PRO A 538 24.70 -24.50 30.29
CA PRO A 538 24.95 -24.26 31.73
C PRO A 538 25.05 -25.58 32.49
N LYS A 539 26.19 -26.26 32.33
CA LYS A 539 26.39 -27.57 32.93
C LYS A 539 26.51 -27.47 34.46
N CYS B 1 -7.51 13.27 -5.41
CA CYS B 1 -7.28 11.85 -5.63
C CYS B 1 -6.37 11.61 -6.82
N GLY B 2 -5.37 10.77 -6.64
CA GLY B 2 -4.44 10.45 -7.70
C GLY B 2 -4.24 8.95 -7.82
N ILE B 3 -4.03 8.51 -9.06
CA ILE B 3 -3.86 7.10 -9.37
C ILE B 3 -2.52 6.90 -10.06
N TRP B 4 -1.87 5.78 -9.75
CA TRP B 4 -0.55 5.48 -10.32
C TRP B 4 -0.39 3.97 -10.37
N ALA B 5 -0.36 3.41 -11.56
CA ALA B 5 -0.28 1.97 -11.76
C ALA B 5 0.94 1.61 -12.60
N LEU B 6 1.64 0.55 -12.18
CA LEU B 6 2.80 0.04 -12.88
C LEU B 6 2.52 -1.37 -13.37
N PHE B 7 2.94 -1.68 -14.59
CA PHE B 7 2.81 -3.01 -15.15
C PHE B 7 4.11 -3.40 -15.82
N GLY B 8 4.60 -4.61 -15.52
CA GLY B 8 5.84 -5.08 -16.09
C GLY B 8 7.10 -4.48 -15.49
N SER B 9 7.03 -3.98 -14.26
CA SER B 9 8.20 -3.39 -13.62
C SER B 9 9.25 -4.46 -13.33
N ASP B 10 10.50 -4.17 -13.69
CA ASP B 10 11.60 -5.08 -13.44
C ASP B 10 12.58 -4.56 -12.39
N ASP B 11 12.59 -3.26 -12.12
CA ASP B 11 13.51 -2.68 -11.14
C ASP B 11 12.81 -2.53 -9.79
N CYS B 12 12.42 -3.69 -9.24
CA CYS B 12 11.77 -3.77 -7.93
C CYS B 12 10.53 -2.88 -7.84
N LEU B 13 10.05 -2.64 -6.62
CA LEU B 13 8.90 -1.77 -6.41
C LEU B 13 9.09 -0.74 -5.31
N SER B 14 9.98 -0.98 -4.34
CA SER B 14 10.18 0.00 -3.27
C SER B 14 10.90 1.23 -3.77
N VAL B 15 11.92 1.04 -4.62
CA VAL B 15 12.62 2.16 -5.23
C VAL B 15 11.75 2.91 -6.21
N GLN B 16 10.68 2.27 -6.70
CA GLN B 16 9.73 2.91 -7.59
C GLN B 16 8.54 3.52 -6.85
N CYS B 17 8.51 3.41 -5.51
CA CYS B 17 7.43 4.00 -4.73
C CYS B 17 7.57 5.52 -4.60
N LEU B 18 8.80 6.02 -4.54
CA LEU B 18 9.02 7.46 -4.40
C LEU B 18 8.52 8.25 -5.59
N SER B 19 8.32 7.60 -6.74
CA SER B 19 7.73 8.30 -7.88
C SER B 19 6.24 8.52 -7.67
N ALA B 20 5.55 7.56 -7.05
CA ALA B 20 4.12 7.71 -6.78
C ALA B 20 3.86 8.86 -5.82
N MET B 21 4.67 8.97 -4.76
CA MET B 21 4.46 10.02 -3.77
C MET B 21 4.62 11.42 -4.33
N LYS B 22 5.07 11.55 -5.59
CA LYS B 22 5.10 12.85 -6.23
C LYS B 22 3.72 13.39 -6.54
N ILE B 23 2.70 12.55 -6.56
CA ILE B 23 1.33 12.99 -6.77
C ILE B 23 0.52 12.97 -5.48
N ALA B 24 1.20 12.92 -4.32
CA ALA B 24 0.51 12.94 -3.04
C ALA B 24 -0.19 14.25 -2.78
N HIS B 25 0.17 15.32 -3.49
CA HIS B 25 -0.51 16.59 -3.32
C HIS B 25 -1.95 16.54 -3.84
N ARG B 26 -2.26 15.62 -4.74
CA ARG B 26 -3.64 15.49 -5.21
C ARG B 26 -4.56 15.10 -4.07
N GLY B 27 -4.21 14.05 -3.34
CA GLY B 27 -4.89 13.71 -2.11
C GLY B 27 -3.90 13.43 -1.00
N PRO B 28 -3.88 14.29 0.02
CA PRO B 28 -2.95 14.11 1.15
C PRO B 28 -3.55 13.39 2.36
N ASP B 29 -4.78 12.91 2.29
CA ASP B 29 -5.42 12.30 3.45
C ASP B 29 -4.89 10.88 3.68
N ALA B 30 -5.07 10.01 2.69
CA ALA B 30 -4.62 8.62 2.80
C ALA B 30 -3.77 8.27 1.58
N PHE B 31 -3.19 7.08 1.61
CA PHE B 31 -2.33 6.61 0.53
C PHE B 31 -2.20 5.10 0.62
N ARG B 32 -2.39 4.41 -0.50
CA ARG B 32 -2.27 2.97 -0.57
C ARG B 32 -1.28 2.60 -1.67
N PHE B 33 -0.61 1.46 -1.50
CA PHE B 33 0.39 1.00 -2.45
C PHE B 33 0.32 -0.53 -2.46
N GLU B 34 -0.44 -1.06 -3.40
CA GLU B 34 -0.74 -2.49 -3.46
C GLU B 34 0.00 -3.15 -4.62
N ASN B 35 -0.18 -4.46 -4.74
CA ASN B 35 0.40 -5.27 -5.79
C ASN B 35 -0.71 -6.05 -6.50
N VAL B 36 -0.29 -6.93 -7.41
CA VAL B 36 -1.20 -7.80 -8.14
C VAL B 36 -0.76 -9.24 -7.91
N ASN B 37 -1.66 -10.04 -7.34
CA ASN B 37 -1.34 -11.44 -7.07
C ASN B 37 -1.11 -12.20 -8.36
N GLY B 38 0.00 -12.91 -8.44
CA GLY B 38 0.41 -13.57 -9.67
C GLY B 38 1.15 -12.68 -10.64
N TYR B 39 1.14 -11.37 -10.43
CA TYR B 39 1.80 -10.39 -11.26
C TYR B 39 2.56 -9.39 -10.40
N THR B 40 3.37 -9.91 -9.47
CA THR B 40 4.07 -9.09 -8.49
C THR B 40 4.81 -7.92 -9.13
N ASN B 41 5.21 -8.05 -10.39
CA ASN B 41 5.83 -6.92 -11.09
C ASN B 41 4.86 -5.75 -11.21
N CYS B 42 3.57 -6.02 -11.37
CA CYS B 42 2.56 -4.98 -11.44
C CYS B 42 2.20 -4.50 -10.03
N CYS B 43 1.88 -3.21 -9.93
CA CYS B 43 1.55 -2.60 -8.65
C CYS B 43 0.60 -1.44 -8.85
N PHE B 44 -0.10 -1.08 -7.78
CA PHE B 44 -1.08 -0.01 -7.79
C PHE B 44 -0.80 0.97 -6.67
N GLY B 45 -1.24 2.21 -6.85
CA GLY B 45 -1.11 3.23 -5.83
C GLY B 45 -2.15 4.31 -5.94
N PHE B 46 -2.81 4.63 -4.83
CA PHE B 46 -3.89 5.62 -4.81
C PHE B 46 -3.65 6.62 -3.70
N HIS B 47 -3.93 7.89 -4.00
CA HIS B 47 -3.88 8.98 -3.03
C HIS B 47 -5.29 9.54 -2.89
N ARG B 48 -5.82 9.50 -1.67
CA ARG B 48 -7.23 9.82 -1.41
C ARG B 48 -7.36 11.23 -0.86
N LEU B 49 -8.44 11.91 -1.25
CA LEU B 49 -8.78 13.24 -0.78
C LEU B 49 -10.02 13.15 0.08
N ALA B 50 -9.93 13.65 1.31
CA ALA B 50 -11.05 13.63 2.23
C ALA B 50 -12.12 14.63 1.83
N PRO B 54 -15.12 7.55 5.29
CA PRO B 54 -14.08 7.48 6.32
C PRO B 54 -13.34 6.15 6.31
N LEU B 55 -13.93 5.13 5.70
CA LEU B 55 -13.33 3.81 5.63
C LEU B 55 -13.32 3.30 4.20
N GLY B 57 -13.48 4.85 0.65
CA GLY B 57 -12.37 3.95 0.76
C GLY B 57 -11.30 4.17 -0.29
N MET B 58 -10.20 3.44 -0.19
CA MET B 58 -9.11 3.54 -1.14
C MET B 58 -9.56 2.98 -2.49
N GLN B 59 -8.75 3.23 -3.52
CA GLN B 59 -9.21 2.85 -4.86
C GLN B 59 -8.28 1.89 -5.61
N PRO B 60 -7.76 0.83 -4.96
CA PRO B 60 -7.48 -0.40 -5.74
C PRO B 60 -8.70 -1.33 -5.68
N ILE B 61 -9.77 -0.91 -6.34
CA ILE B 61 -11.09 -1.48 -6.12
C ILE B 61 -11.10 -2.94 -6.58
N ARG B 62 -11.32 -3.86 -5.63
CA ARG B 62 -11.54 -5.26 -5.92
C ARG B 62 -12.84 -5.66 -5.26
N VAL B 63 -13.84 -6.00 -6.09
CA VAL B 63 -15.17 -6.37 -5.62
C VAL B 63 -15.28 -7.88 -5.65
N LYS B 64 -15.84 -8.46 -4.58
CA LYS B 64 -15.89 -9.92 -4.46
C LYS B 64 -16.69 -10.55 -5.61
N LYS B 65 -17.62 -9.81 -6.20
CA LYS B 65 -18.35 -10.32 -7.36
C LYS B 65 -17.45 -10.42 -8.59
N TYR B 66 -16.40 -9.59 -8.67
CA TYR B 66 -15.46 -9.59 -9.78
C TYR B 66 -14.05 -9.66 -9.20
N PRO B 67 -13.65 -10.84 -8.71
CA PRO B 67 -12.33 -10.94 -8.05
C PRO B 67 -11.15 -10.67 -8.97
N TYR B 68 -11.32 -10.84 -10.28
CA TYR B 68 -10.22 -10.65 -11.22
C TYR B 68 -10.16 -9.24 -11.80
N LEU B 69 -11.03 -8.34 -11.34
CA LEU B 69 -11.07 -6.97 -11.84
C LEU B 69 -10.50 -6.04 -10.79
N TRP B 70 -9.45 -5.30 -11.15
CA TRP B 70 -8.83 -4.33 -10.26
C TRP B 70 -8.87 -2.97 -10.95
N LEU B 71 -9.61 -2.03 -10.37
CA LEU B 71 -9.85 -0.73 -10.98
C LEU B 71 -9.29 0.37 -10.09
N CYS B 72 -8.60 1.33 -10.71
CA CYS B 72 -8.16 2.54 -10.02
C CYS B 72 -8.52 3.73 -10.89
N TYR B 73 -9.35 4.62 -10.35
CA TYR B 73 -9.80 5.81 -11.06
C TYR B 73 -9.76 7.00 -10.10
N ASN B 74 -9.50 8.18 -10.65
CA ASN B 74 -9.44 9.42 -9.88
C ASN B 74 -10.41 10.41 -10.53
N GLY B 75 -11.67 10.34 -10.13
CA GLY B 75 -12.67 11.21 -10.70
C GLY B 75 -14.02 11.00 -10.04
N GLU B 76 -15.05 11.51 -10.70
CA GLU B 76 -16.43 11.34 -10.24
C GLU B 76 -17.34 11.36 -11.45
N ILE B 77 -18.18 10.33 -11.58
CA ILE B 77 -19.16 10.27 -12.66
C ILE B 77 -20.51 10.74 -12.13
N TYR B 78 -21.28 11.40 -12.99
CA TYR B 78 -22.56 11.96 -12.61
C TYR B 78 -23.74 11.08 -13.02
N ASN B 79 -23.48 9.91 -13.60
CA ASN B 79 -24.53 9.04 -14.11
C ASN B 79 -24.63 7.72 -13.35
N HIS B 80 -23.91 7.57 -12.24
CA HIS B 80 -23.94 6.30 -11.51
C HIS B 80 -25.32 6.02 -10.93
N LYS B 81 -25.99 7.04 -10.41
CA LYS B 81 -27.33 6.87 -9.85
C LYS B 81 -28.40 7.23 -10.88
N MET B 83 -27.56 5.11 -13.48
CA MET B 83 -27.42 3.86 -14.21
C MET B 83 -27.57 2.67 -13.26
N GLN B 84 -27.30 2.90 -11.98
CA GLN B 84 -27.50 1.85 -10.98
C GLN B 84 -28.96 1.46 -10.88
N GLN B 85 -29.85 2.45 -10.89
CA GLN B 85 -31.29 2.15 -10.87
C GLN B 85 -31.73 1.45 -12.15
N HIS B 86 -31.19 1.87 -13.29
CA HIS B 86 -31.58 1.27 -14.56
C HIS B 86 -31.10 -0.18 -14.67
N PHE B 87 -29.85 -0.44 -14.28
CA PHE B 87 -29.28 -1.76 -14.41
C PHE B 87 -29.43 -2.63 -13.16
N GLU B 88 -29.96 -2.08 -12.08
CA GLU B 88 -30.13 -2.79 -10.82
C GLU B 88 -28.81 -3.43 -10.37
N PHE B 89 -27.74 -2.63 -10.44
CA PHE B 89 -26.40 -3.09 -10.12
C PHE B 89 -26.12 -2.81 -8.65
N GLU B 90 -26.02 -3.86 -7.84
CA GLU B 90 -25.70 -3.71 -6.44
C GLU B 90 -24.23 -3.33 -6.26
N TYR B 91 -23.98 -2.34 -5.41
CA TYR B 91 -22.64 -1.82 -5.18
C TYR B 91 -22.15 -2.27 -3.81
N GLN B 92 -21.01 -2.97 -3.79
CA GLN B 92 -20.43 -3.41 -2.52
C GLN B 92 -19.82 -2.25 -1.74
N THR B 93 -19.18 -1.31 -2.43
CA THR B 93 -18.51 -0.18 -1.80
C THR B 93 -19.34 1.09 -2.01
N LYS B 94 -18.86 2.18 -1.41
CA LYS B 94 -19.54 3.47 -1.49
C LYS B 94 -18.98 4.35 -2.61
N VAL B 95 -18.04 3.84 -3.39
CA VAL B 95 -17.46 4.59 -4.49
C VAL B 95 -18.38 4.51 -5.70
N ASP B 96 -18.29 5.51 -6.57
CA ASP B 96 -19.09 5.57 -7.78
C ASP B 96 -18.36 5.01 -9.00
N GLY B 97 -17.15 4.50 -8.82
CA GLY B 97 -16.42 3.92 -9.92
C GLY B 97 -16.59 2.42 -10.04
N GLU B 98 -17.10 1.79 -8.97
CA GLU B 98 -17.34 0.35 -8.98
C GLU B 98 -18.33 -0.03 -10.08
N ILE B 99 -19.27 0.86 -10.41
CA ILE B 99 -20.23 0.58 -11.47
C ILE B 99 -19.51 0.34 -12.79
N ILE B 100 -18.31 0.92 -12.96
CA ILE B 100 -17.52 0.66 -14.16
C ILE B 100 -17.29 -0.84 -14.30
N LEU B 101 -16.86 -1.49 -13.22
CA LEU B 101 -16.75 -2.95 -13.24
C LEU B 101 -18.11 -3.57 -13.52
N HIS B 102 -19.14 -3.08 -12.84
CA HIS B 102 -20.49 -3.57 -13.08
C HIS B 102 -20.92 -3.37 -14.53
N LEU B 103 -20.31 -2.41 -15.22
CA LEU B 103 -20.56 -2.24 -16.65
C LEU B 103 -19.60 -3.05 -17.50
N TYR B 104 -18.35 -3.22 -17.05
CA TYR B 104 -17.36 -3.91 -17.87
C TYR B 104 -17.77 -5.35 -18.14
N ASP B 105 -18.26 -6.05 -17.12
CA ASP B 105 -18.75 -7.41 -17.33
C ASP B 105 -20.03 -7.39 -18.16
N LYS B 106 -20.80 -6.30 -18.11
CA LYS B 106 -22.06 -6.25 -18.83
C LYS B 106 -21.85 -6.14 -20.33
N GLY B 107 -20.97 -5.25 -20.77
CA GLY B 107 -20.80 -5.01 -22.19
C GLY B 107 -19.39 -4.70 -22.66
N GLY B 108 -18.39 -5.06 -21.85
CA GLY B 108 -17.03 -4.79 -22.24
C GLY B 108 -16.59 -3.38 -21.89
N ILE B 109 -15.49 -2.96 -22.52
CA ILE B 109 -14.91 -1.66 -22.23
C ILE B 109 -15.47 -0.55 -23.14
N GLU B 110 -15.80 -0.87 -24.38
CA GLU B 110 -16.30 0.15 -25.30
C GLU B 110 -17.64 0.71 -24.83
N GLN B 111 -18.56 -0.16 -24.40
CA GLN B 111 -19.85 0.29 -23.92
C GLN B 111 -19.75 0.91 -22.53
N THR B 112 -18.79 0.46 -21.71
CA THR B 112 -18.63 1.02 -20.38
C THR B 112 -18.16 2.47 -20.43
N ILE B 113 -17.15 2.75 -21.25
CA ILE B 113 -16.58 4.09 -21.30
C ILE B 113 -17.44 5.07 -22.06
N CYS B 114 -18.38 4.61 -22.88
CA CYS B 114 -19.23 5.49 -23.65
C CYS B 114 -20.52 5.87 -22.92
N MET B 115 -20.74 5.34 -21.71
CA MET B 115 -21.92 5.65 -20.92
C MET B 115 -21.56 6.29 -19.58
N LEU B 116 -20.34 6.76 -19.42
CA LEU B 116 -19.90 7.41 -18.19
C LEU B 116 -20.01 8.91 -18.36
N ASP B 117 -21.01 9.51 -17.71
CA ASP B 117 -21.24 10.95 -17.78
C ASP B 117 -20.49 11.61 -16.63
N GLY B 118 -19.30 12.11 -16.92
CA GLY B 118 -18.50 12.77 -15.90
C GLY B 118 -17.04 12.77 -16.29
N VAL B 119 -16.22 13.27 -15.36
CA VAL B 119 -14.78 13.32 -15.54
C VAL B 119 -14.16 12.08 -14.93
N PHE B 120 -13.24 11.46 -15.65
CA PHE B 120 -12.65 10.20 -15.20
C PHE B 120 -11.42 9.88 -16.03
N ALA B 121 -10.45 9.24 -15.38
CA ALA B 121 -9.32 8.62 -16.08
C ALA B 121 -8.92 7.41 -15.26
N PHE B 122 -9.19 6.21 -15.77
CA PHE B 122 -9.11 5.00 -15.00
C PHE B 122 -8.16 3.99 -15.65
N VAL B 123 -7.62 3.10 -14.82
CA VAL B 123 -6.89 1.94 -15.30
C VAL B 123 -7.48 0.70 -14.64
N LEU B 124 -7.78 -0.31 -15.46
CA LEU B 124 -8.45 -1.53 -15.05
C LEU B 124 -7.62 -2.73 -15.48
N LEU B 125 -7.52 -3.72 -14.59
CA LEU B 125 -6.80 -4.96 -14.87
C LEU B 125 -7.76 -6.12 -14.74
N ASP B 126 -7.90 -6.90 -15.81
CA ASP B 126 -8.72 -8.11 -15.83
C ASP B 126 -7.76 -9.28 -15.97
N THR B 127 -7.56 -10.03 -14.88
CA THR B 127 -6.65 -11.16 -14.90
C THR B 127 -7.26 -12.34 -15.67
N ALA B 128 -8.58 -12.54 -15.53
CA ALA B 128 -9.23 -13.66 -16.22
C ALA B 128 -9.11 -13.53 -17.73
N ASN B 129 -9.33 -12.33 -18.27
CA ASN B 129 -9.17 -12.08 -19.69
C ASN B 129 -7.76 -11.62 -20.05
N LYS B 130 -6.89 -11.41 -19.06
CA LYS B 130 -5.49 -11.07 -19.28
C LYS B 130 -5.34 -9.77 -20.07
N LYS B 131 -5.99 -8.72 -19.58
CA LYS B 131 -6.00 -7.45 -20.30
C LYS B 131 -5.92 -6.28 -19.32
N VAL B 132 -5.46 -5.15 -19.85
CA VAL B 132 -5.39 -3.88 -19.13
C VAL B 132 -6.07 -2.82 -19.97
N PHE B 133 -6.91 -2.01 -19.34
CA PHE B 133 -7.67 -0.98 -20.03
C PHE B 133 -7.38 0.37 -19.42
N LEU B 134 -7.13 1.36 -20.27
CA LEU B 134 -6.87 2.73 -19.85
C LEU B 134 -7.91 3.64 -20.47
N GLY B 135 -8.41 4.57 -19.67
CA GLY B 135 -9.49 5.44 -20.13
C GLY B 135 -9.34 6.86 -19.61
N ARG B 136 -9.84 7.80 -20.40
CA ARG B 136 -9.83 9.21 -20.05
C ARG B 136 -11.07 9.86 -20.64
N ASP B 137 -11.48 10.98 -20.05
CA ASP B 137 -12.68 11.67 -20.48
C ASP B 137 -12.48 12.33 -21.83
N THR B 138 -13.58 12.82 -22.41
CA THR B 138 -13.54 13.37 -23.76
C THR B 138 -12.77 14.67 -23.83
N TYR B 139 -12.80 15.48 -22.78
CA TYR B 139 -12.05 16.74 -22.75
C TYR B 139 -10.82 16.68 -21.87
N GLY B 140 -10.52 15.54 -21.28
CA GLY B 140 -9.32 15.38 -20.46
C GLY B 140 -9.30 16.25 -19.22
N VAL B 141 -10.44 16.38 -18.54
CA VAL B 141 -10.47 17.16 -17.30
C VAL B 141 -9.59 16.50 -16.24
N ILE B 142 -9.67 15.18 -16.12
CA ILE B 142 -8.81 14.42 -15.22
C ILE B 142 -7.57 14.01 -16.00
N PRO B 143 -6.37 14.38 -15.58
CA PRO B 143 -5.17 14.07 -16.37
C PRO B 143 -4.81 12.60 -16.29
N LEU B 144 -4.04 12.16 -17.28
CA LEU B 144 -3.53 10.79 -17.34
C LEU B 144 -2.30 10.78 -18.23
N PHE B 145 -1.20 10.23 -17.72
CA PHE B 145 0.06 10.17 -18.45
C PHE B 145 0.53 8.73 -18.50
N LYS B 146 0.88 8.25 -19.69
CA LYS B 146 1.34 6.89 -19.89
C LYS B 146 2.78 6.89 -20.37
N ALA B 147 3.57 5.99 -19.80
CA ALA B 147 4.95 5.75 -20.20
C ALA B 147 5.09 4.28 -20.56
N MET B 148 5.37 4.01 -21.83
CA MET B 148 5.42 2.64 -22.34
C MET B 148 6.73 2.42 -23.09
N THR B 149 7.33 1.26 -22.87
CA THR B 149 8.56 0.87 -23.53
C THR B 149 8.29 -0.31 -24.45
N GLU B 150 9.12 -0.45 -25.48
CA GLU B 150 8.97 -1.55 -26.43
C GLU B 150 9.11 -2.91 -25.75
N ASP B 151 9.80 -2.97 -24.61
CA ASP B 151 9.96 -4.23 -23.89
C ASP B 151 8.62 -4.74 -23.38
N GLY B 152 7.79 -3.84 -22.86
CA GLY B 152 6.50 -4.22 -22.31
C GLY B 152 6.13 -3.45 -21.06
N PHE B 153 7.02 -2.55 -20.64
CA PHE B 153 6.80 -1.74 -19.45
C PHE B 153 5.64 -0.77 -19.68
N LEU B 154 4.87 -0.52 -18.61
CA LEU B 154 3.79 0.44 -18.67
C LEU B 154 3.67 1.16 -17.33
N ALA B 155 3.45 2.47 -17.40
CA ALA B 155 3.31 3.32 -16.21
C ALA B 155 2.22 4.33 -16.48
N VAL B 156 1.07 4.18 -15.81
CA VAL B 156 -0.07 5.06 -16.02
C VAL B 156 -0.30 5.85 -14.73
N CYS B 157 -0.07 7.15 -14.78
CA CYS B 157 -0.21 8.02 -13.62
C CYS B 157 -1.21 9.13 -13.93
N SER B 158 -1.48 9.95 -12.91
CA SER B 158 -2.35 11.11 -13.10
C SER B 158 -1.57 12.28 -13.70
N GLU B 159 -0.53 12.73 -13.01
CA GLU B 159 0.35 13.76 -13.52
C GLU B 159 1.64 13.12 -14.03
N ALA B 160 2.47 13.91 -14.70
CA ALA B 160 3.73 13.42 -15.24
C ALA B 160 4.84 13.40 -14.20
N LYS B 161 4.73 14.19 -13.13
CA LYS B 161 5.76 14.21 -12.09
C LYS B 161 5.91 12.85 -11.42
N GLY B 162 4.91 11.99 -11.51
CA GLY B 162 4.98 10.64 -10.99
C GLY B 162 5.58 9.62 -11.92
N LEU B 163 6.07 10.04 -13.09
CA LEU B 163 6.64 9.12 -14.07
C LEU B 163 8.06 9.46 -14.49
N VAL B 164 8.47 10.73 -14.40
CA VAL B 164 9.84 11.08 -14.81
C VAL B 164 10.87 10.49 -13.85
N THR B 165 10.48 10.25 -12.60
CA THR B 165 11.39 9.67 -11.62
C THR B 165 11.60 8.17 -11.86
N LEU B 166 10.68 7.52 -12.57
CA LEU B 166 10.76 6.08 -12.76
C LEU B 166 12.02 5.69 -13.51
N LYS B 167 12.52 4.50 -13.22
CA LYS B 167 13.78 3.99 -13.76
C LYS B 167 13.54 2.69 -14.49
N HIS B 168 14.05 2.60 -15.71
CA HIS B 168 14.07 1.35 -16.47
C HIS B 168 15.51 0.85 -16.52
N SER B 169 15.75 -0.32 -15.91
CA SER B 169 17.06 -0.94 -15.96
C SER B 169 17.33 -1.67 -17.28
N ALA B 170 16.32 -1.82 -18.13
CA ALA B 170 16.48 -2.50 -19.41
C ALA B 170 16.46 -1.56 -20.61
N THR B 171 16.03 -0.32 -20.43
CA THR B 171 15.95 0.64 -21.53
C THR B 171 16.43 1.99 -21.03
N PRO B 172 17.38 2.64 -21.74
CA PRO B 172 17.86 3.95 -21.28
C PRO B 172 16.80 5.03 -21.24
N PHE B 173 15.82 5.00 -22.14
CA PHE B 173 14.86 6.08 -22.28
C PHE B 173 13.44 5.51 -22.29
N LEU B 174 12.56 6.14 -21.51
CA LEU B 174 11.13 5.84 -21.52
C LEU B 174 10.35 7.10 -21.88
N LYS B 175 9.32 6.93 -22.70
CA LYS B 175 8.57 8.06 -23.25
C LYS B 175 7.31 8.28 -22.42
N VAL B 176 7.27 9.39 -21.68
CA VAL B 176 6.10 9.77 -20.90
C VAL B 176 5.27 10.72 -21.76
N GLU B 177 4.07 10.30 -22.14
CA GLU B 177 3.20 11.10 -22.98
C GLU B 177 1.82 11.19 -22.36
N PRO B 178 1.16 12.34 -22.49
CA PRO B 178 -0.20 12.49 -21.94
C PRO B 178 -1.18 11.60 -22.67
N PHE B 179 -2.00 10.87 -21.89
CA PHE B 179 -3.03 10.03 -22.50
C PHE B 179 -4.05 10.91 -23.21
N LEU B 180 -4.45 10.49 -24.41
CA LEU B 180 -5.27 11.34 -25.24
C LEU B 180 -6.66 11.52 -24.63
N PRO B 181 -7.26 12.71 -24.77
CA PRO B 181 -8.56 12.96 -24.15
C PRO B 181 -9.74 12.42 -24.95
N GLY B 182 -10.08 11.15 -24.76
CA GLY B 182 -11.22 10.58 -25.43
C GLY B 182 -10.97 9.22 -26.03
N HIS B 183 -9.83 8.62 -25.68
CA HIS B 183 -9.43 7.33 -26.20
C HIS B 183 -9.46 6.31 -25.07
N TYR B 184 -9.71 5.05 -25.43
CA TYR B 184 -9.55 3.93 -24.53
C TYR B 184 -8.52 2.97 -25.12
N GLU B 185 -7.60 2.50 -24.29
CA GLU B 185 -6.46 1.73 -24.73
C GLU B 185 -6.53 0.33 -24.11
N VAL B 186 -6.39 -0.68 -24.95
CA VAL B 186 -6.46 -2.08 -24.54
C VAL B 186 -5.08 -2.70 -24.74
N LEU B 187 -4.58 -3.37 -23.70
CA LEU B 187 -3.26 -3.99 -23.71
C LEU B 187 -3.38 -5.44 -23.27
N ASP B 188 -2.61 -6.31 -23.93
CA ASP B 188 -2.58 -7.72 -23.56
C ASP B 188 -1.63 -7.93 -22.39
N LEU B 189 -2.11 -8.61 -21.35
CA LEU B 189 -1.32 -8.85 -20.15
C LEU B 189 -0.57 -10.16 -20.32
N LYS B 190 0.73 -10.06 -20.60
CA LYS B 190 1.57 -11.24 -20.73
C LYS B 190 1.84 -11.84 -19.35
N PRO B 191 2.20 -13.13 -19.30
CA PRO B 191 2.42 -13.78 -18.00
C PRO B 191 3.51 -13.12 -17.16
N ASN B 192 4.50 -12.49 -17.78
CA ASN B 192 5.58 -11.84 -17.05
C ASN B 192 5.19 -10.47 -16.51
N GLY B 193 3.90 -10.13 -16.49
CA GLY B 193 3.46 -8.85 -15.98
C GLY B 193 3.52 -7.75 -17.01
N LYS B 194 4.42 -7.89 -17.98
CA LYS B 194 4.57 -6.89 -19.02
C LYS B 194 3.38 -6.93 -19.98
N VAL B 195 3.07 -5.78 -20.57
CA VAL B 195 1.89 -5.61 -21.42
C VAL B 195 2.32 -5.10 -22.79
N ALA B 196 1.82 -5.75 -23.84
CA ALA B 196 1.99 -5.26 -25.20
C ALA B 196 0.90 -4.22 -25.49
N SER B 197 0.81 -3.78 -26.74
CA SER B 197 -0.20 -2.81 -27.17
C SER B 197 -1.10 -3.46 -28.20
N VAL B 198 -2.41 -3.34 -28.01
CA VAL B 198 -3.40 -4.03 -28.83
C VAL B 198 -4.27 -3.05 -29.62
N GLU B 199 -4.89 -2.09 -28.94
CA GLU B 199 -5.95 -1.31 -29.58
C GLU B 199 -6.11 0.01 -28.84
N MET B 200 -6.50 1.04 -29.60
CA MET B 200 -6.72 2.38 -29.05
C MET B 200 -7.74 3.08 -29.94
N VAL B 201 -8.98 3.18 -29.47
CA VAL B 201 -10.09 3.73 -30.24
C VAL B 201 -10.74 4.88 -29.48
N LYS B 202 -11.10 5.93 -30.21
CA LYS B 202 -11.87 7.02 -29.65
C LYS B 202 -13.32 6.62 -29.42
N TYR B 203 -13.92 7.14 -28.35
CA TYR B 203 -15.35 6.99 -28.11
C TYR B 203 -16.10 8.30 -28.17
N HIS B 204 -15.39 9.44 -28.22
CA HIS B 204 -15.96 10.76 -28.48
C HIS B 204 -16.87 11.26 -27.36
N HIS B 205 -18.17 11.22 -27.58
CA HIS B 205 -19.11 12.02 -26.78
C HIS B 205 -20.40 11.23 -26.59
N CYS B 206 -21.46 11.96 -26.23
CA CYS B 206 -22.68 11.44 -25.62
C CYS B 206 -23.15 10.11 -26.20
N ARG B 207 -23.26 9.11 -25.34
CA ARG B 207 -24.05 7.93 -25.59
C ARG B 207 -24.81 7.47 -24.36
N ASP B 208 -24.72 8.21 -23.25
CA ASP B 208 -25.39 7.86 -22.01
C ASP B 208 -26.75 8.53 -21.85
N VAL B 209 -27.02 9.58 -22.61
CA VAL B 209 -28.29 10.29 -22.53
C VAL B 209 -29.47 9.43 -22.99
N PRO B 210 -29.30 8.39 -23.87
CA PRO B 210 -30.44 7.49 -24.08
C PRO B 210 -30.85 6.75 -22.83
N LEU B 211 -29.91 6.02 -22.21
CA LEU B 211 -30.23 5.27 -21.00
C LEU B 211 -29.96 6.04 -19.72
N HIS B 212 -30.42 7.29 -19.63
CA HIS B 212 -30.43 8.07 -18.39
C HIS B 212 -31.14 9.40 -18.62
N ALA B 213 -31.13 10.26 -17.61
CA ALA B 213 -31.70 11.59 -17.73
C ALA B 213 -30.61 12.65 -17.80
N PHE B 222 -36.87 20.08 -27.06
CA PHE B 222 -37.65 20.47 -28.23
C PHE B 222 -36.80 20.53 -29.49
N PRO B 223 -37.13 19.69 -30.46
CA PRO B 223 -36.40 19.72 -31.74
C PRO B 223 -36.61 21.06 -32.45
N GLY B 224 -35.57 21.48 -33.17
CA GLY B 224 -35.60 22.72 -33.90
C GLY B 224 -34.41 23.61 -33.55
N PHE B 225 -34.23 24.64 -34.37
CA PHE B 225 -33.13 25.58 -34.21
C PHE B 225 -33.61 27.03 -34.15
N GLU B 226 -34.89 27.26 -33.88
CA GLU B 226 -35.37 28.62 -33.72
C GLU B 226 -34.81 29.24 -32.43
N ILE B 227 -34.71 30.56 -32.43
CA ILE B 227 -33.89 31.25 -31.43
C ILE B 227 -34.44 31.06 -30.01
N GLU B 228 -35.76 30.91 -29.86
CA GLU B 228 -36.32 30.68 -28.53
C GLU B 228 -36.08 29.26 -28.05
N THR B 229 -36.27 28.28 -28.93
CA THR B 229 -36.11 26.87 -28.54
C THR B 229 -34.67 26.57 -28.16
N VAL B 230 -33.70 27.08 -28.91
CA VAL B 230 -32.31 26.83 -28.58
C VAL B 230 -31.95 27.46 -27.25
N LYS B 231 -32.46 28.67 -26.98
CA LYS B 231 -32.20 29.32 -25.71
C LYS B 231 -32.78 28.51 -24.54
N ASN B 232 -34.01 28.04 -24.70
CA ASN B 232 -34.63 27.24 -23.63
C ASN B 232 -33.85 25.95 -23.41
N ASN B 233 -33.46 25.28 -24.48
CA ASN B 233 -32.70 24.04 -24.35
C ASN B 233 -31.34 24.28 -23.70
N LEU B 234 -30.67 25.36 -24.08
CA LEU B 234 -29.38 25.67 -23.49
C LEU B 234 -29.51 25.96 -22.00
N ARG B 235 -30.52 26.72 -21.61
CA ARG B 235 -30.74 26.98 -20.19
C ARG B 235 -31.02 25.68 -19.43
N ILE B 236 -31.87 24.82 -19.99
CA ILE B 236 -32.20 23.56 -19.33
C ILE B 236 -30.95 22.70 -19.18
N LEU B 237 -30.14 22.61 -20.23
CA LEU B 237 -28.95 21.76 -20.17
C LEU B 237 -27.90 22.33 -19.22
N PHE B 238 -27.73 23.65 -19.18
CA PHE B 238 -26.79 24.24 -18.24
C PHE B 238 -27.23 24.01 -16.80
N ASN B 239 -28.53 24.18 -16.53
CA ASN B 239 -29.04 23.91 -15.19
C ASN B 239 -28.86 22.44 -14.81
N ASN B 240 -29.12 21.54 -15.76
CA ASN B 240 -28.93 20.12 -15.50
C ASN B 240 -27.47 19.78 -15.24
N ALA B 241 -26.56 20.40 -15.99
CA ALA B 241 -25.13 20.18 -15.76
C ALA B 241 -24.72 20.62 -14.37
N VAL B 242 -25.17 21.82 -13.96
CA VAL B 242 -24.85 22.31 -12.63
C VAL B 242 -25.44 21.39 -11.57
N LYS B 243 -26.68 20.94 -11.78
CA LYS B 243 -27.35 20.08 -10.80
C LYS B 243 -26.62 18.75 -10.66
N LYS B 244 -26.20 18.15 -11.77
CA LYS B 244 -25.52 16.86 -11.70
C LYS B 244 -24.11 17.00 -11.16
N ARG B 245 -23.47 18.16 -11.35
CA ARG B 245 -22.18 18.41 -10.73
C ARG B 245 -22.31 18.82 -9.27
N LEU B 246 -23.53 19.13 -8.81
CA LEU B 246 -23.72 19.51 -7.41
C LEU B 246 -23.46 18.34 -6.46
N MET B 247 -23.72 17.11 -6.90
CA MET B 247 -23.69 15.96 -6.00
C MET B 247 -22.27 15.69 -5.54
N THR B 248 -22.04 15.83 -4.23
CA THR B 248 -20.76 15.55 -3.58
C THR B 248 -20.95 15.70 -2.08
N ASP B 249 -20.10 15.02 -1.31
CA ASP B 249 -20.12 15.13 0.13
C ASP B 249 -19.24 16.25 0.67
N ARG B 250 -18.47 16.90 -0.19
CA ARG B 250 -17.59 17.99 0.20
C ARG B 250 -18.25 19.33 -0.07
N ARG B 251 -17.69 20.38 0.53
CA ARG B 251 -18.21 21.72 0.33
C ARG B 251 -17.93 22.21 -1.09
N ILE B 252 -18.80 23.08 -1.58
CA ILE B 252 -18.76 23.56 -2.95
C ILE B 252 -18.44 25.05 -2.94
N GLY B 253 -17.41 25.44 -3.70
CA GLY B 253 -17.06 26.83 -3.89
C GLY B 253 -17.10 27.21 -5.36
N CYS B 254 -16.83 28.48 -5.61
CA CYS B 254 -16.84 29.01 -6.97
C CYS B 254 -15.75 30.04 -7.15
N LEU B 255 -15.32 30.21 -8.39
CA LEU B 255 -14.28 31.16 -8.77
C LEU B 255 -14.93 32.27 -9.60
N LEU B 256 -15.03 33.47 -9.02
CA LEU B 256 -15.64 34.60 -9.71
C LEU B 256 -14.54 35.38 -10.43
N SER B 257 -14.30 35.01 -11.69
CA SER B 257 -13.34 35.73 -12.51
C SER B 257 -13.86 37.08 -12.99
N GLY B 258 -15.15 37.36 -12.79
CA GLY B 258 -15.75 38.59 -13.24
C GLY B 258 -16.34 38.56 -14.63
N GLY B 259 -16.13 37.47 -15.37
CA GLY B 259 -16.66 37.34 -16.71
C GLY B 259 -18.07 36.81 -16.73
N LEU B 260 -18.55 36.52 -17.94
CA LEU B 260 -19.91 36.01 -18.11
C LEU B 260 -20.03 34.57 -17.64
N ASP B 261 -19.06 33.72 -17.99
CA ASP B 261 -19.15 32.31 -17.68
C ASP B 261 -19.10 32.06 -16.17
N SER B 262 -18.13 32.67 -15.49
CA SER B 262 -17.99 32.46 -14.05
C SER B 262 -19.21 32.98 -13.31
N SER B 263 -19.72 34.15 -13.71
CA SER B 263 -20.90 34.72 -13.06
C SER B 263 -22.12 33.83 -13.27
N LEU B 264 -22.32 33.34 -14.49
CA LEU B 264 -23.44 32.46 -14.77
C LEU B 264 -23.36 31.17 -13.96
N VAL B 265 -22.15 30.58 -13.91
CA VAL B 265 -21.96 29.36 -13.14
C VAL B 265 -22.24 29.60 -11.67
N ALA B 266 -21.74 30.72 -11.13
CA ALA B 266 -21.97 31.03 -9.72
C ALA B 266 -23.45 31.21 -9.42
N ALA B 267 -24.16 31.95 -10.28
CA ALA B 267 -25.57 32.19 -10.06
C ALA B 267 -26.38 30.89 -10.09
N THR B 268 -26.14 30.07 -11.12
CA THR B 268 -26.87 28.80 -11.21
C THR B 268 -26.51 27.88 -10.06
N LEU B 269 -25.24 27.84 -9.68
CA LEU B 269 -24.79 27.01 -8.55
C LEU B 269 -25.48 27.43 -7.26
N LEU B 270 -25.54 28.73 -7.01
CA LEU B 270 -26.21 29.21 -5.80
C LEU B 270 -27.70 28.90 -5.82
N LYS B 271 -28.35 29.06 -6.99
CA LYS B 271 -29.77 28.76 -7.08
C LYS B 271 -30.04 27.28 -6.80
N GLN B 272 -29.22 26.39 -7.39
CA GLN B 272 -29.41 24.96 -7.13
C GLN B 272 -29.10 24.59 -5.69
N LEU B 273 -28.07 25.21 -5.11
CA LEU B 273 -27.75 24.94 -3.70
C LEU B 273 -28.90 25.37 -2.78
N LYS B 274 -29.51 26.52 -3.08
CA LYS B 274 -30.70 26.92 -2.33
C LYS B 274 -31.84 25.93 -2.55
N GLU B 275 -31.99 25.44 -3.78
CA GLU B 275 -32.99 24.41 -4.05
C GLU B 275 -32.63 23.08 -3.40
N ALA B 276 -31.37 22.88 -3.02
CA ALA B 276 -30.91 21.65 -2.41
C ALA B 276 -30.94 21.69 -0.89
N GLN B 277 -31.49 22.77 -0.30
CA GLN B 277 -31.56 22.94 1.15
C GLN B 277 -30.17 22.83 1.78
N VAL B 278 -29.19 23.47 1.15
CA VAL B 278 -27.82 23.43 1.63
C VAL B 278 -27.63 24.48 2.71
N GLN B 279 -27.12 24.06 3.87
CA GLN B 279 -26.97 24.96 5.00
C GLN B 279 -25.82 25.95 4.80
N TYR B 280 -24.68 25.46 4.31
CA TYR B 280 -23.52 26.32 4.20
C TYR B 280 -23.72 27.34 3.06
N PRO B 281 -23.27 28.57 3.24
CA PRO B 281 -23.40 29.57 2.17
C PRO B 281 -22.35 29.36 1.09
N LEU B 282 -22.69 29.80 -0.13
CA LEU B 282 -21.77 29.69 -1.24
C LEU B 282 -20.58 30.62 -1.05
N GLN B 283 -19.39 30.12 -1.36
CA GLN B 283 -18.15 30.86 -1.21
C GLN B 283 -17.56 31.12 -2.60
N THR B 284 -17.55 32.38 -2.99
CA THR B 284 -17.06 32.81 -4.30
C THR B 284 -15.76 33.58 -4.12
N PHE B 285 -14.71 33.17 -4.84
CA PHE B 285 -13.38 33.71 -4.66
C PHE B 285 -12.95 34.47 -5.91
N ALA B 286 -12.35 35.64 -5.70
CA ALA B 286 -11.86 36.46 -6.81
C ALA B 286 -10.46 36.95 -6.49
N ILE B 287 -9.52 36.70 -7.40
CA ILE B 287 -8.13 37.10 -7.24
C ILE B 287 -7.80 38.13 -8.31
N GLY B 288 -7.05 39.16 -7.92
CA GLY B 288 -6.68 40.19 -8.88
C GLY B 288 -5.86 41.28 -8.23
N MET B 289 -5.53 42.28 -9.04
CA MET B 289 -4.77 43.42 -8.58
C MET B 289 -5.66 44.40 -7.83
N GLU B 290 -5.03 45.41 -7.23
CA GLU B 290 -5.75 46.38 -6.43
C GLU B 290 -6.61 47.27 -7.32
N ASP B 291 -7.91 47.32 -7.03
CA ASP B 291 -8.87 48.17 -7.73
C ASP B 291 -8.85 47.88 -9.24
N SER B 292 -9.21 46.66 -9.59
CA SER B 292 -9.27 46.23 -10.97
C SER B 292 -10.71 46.06 -11.41
N PRO B 293 -11.02 46.30 -12.70
CA PRO B 293 -12.40 46.11 -13.17
C PRO B 293 -12.92 44.70 -13.00
N ASP B 294 -12.05 43.69 -13.15
CA ASP B 294 -12.49 42.30 -12.96
C ASP B 294 -12.92 42.06 -11.52
N LEU B 295 -12.16 42.57 -10.56
CA LEU B 295 -12.52 42.40 -9.15
C LEU B 295 -13.80 43.16 -8.81
N LEU B 296 -13.98 44.35 -9.37
CA LEU B 296 -15.21 45.09 -9.14
C LEU B 296 -16.41 44.35 -9.72
N ALA B 297 -16.25 43.76 -10.91
CA ALA B 297 -17.33 42.97 -11.49
C ALA B 297 -17.64 41.74 -10.64
N ALA B 298 -16.60 41.07 -10.13
CA ALA B 298 -16.83 39.92 -9.26
C ALA B 298 -17.55 40.32 -7.98
N ARG B 299 -17.18 41.46 -7.41
CA ARG B 299 -17.87 41.95 -6.21
C ARG B 299 -19.32 42.29 -6.52
N LYS B 300 -19.57 42.89 -7.68
CA LYS B 300 -20.95 43.19 -8.08
C LYS B 300 -21.78 41.91 -8.22
N VAL B 301 -21.20 40.88 -8.85
CA VAL B 301 -21.92 39.61 -9.00
C VAL B 301 -22.18 38.99 -7.63
N ALA B 302 -21.19 39.00 -6.74
CA ALA B 302 -21.36 38.42 -5.43
C ALA B 302 -22.44 39.15 -4.64
N ASP B 303 -22.47 40.48 -4.72
CA ASP B 303 -23.52 41.24 -4.05
C ASP B 303 -24.89 40.95 -4.64
N HIS B 304 -24.97 40.82 -5.97
CA HIS B 304 -26.25 40.53 -6.61
C HIS B 304 -26.77 39.15 -6.21
N ILE B 305 -25.89 38.15 -6.14
CA ILE B 305 -26.33 36.81 -5.80
C ILE B 305 -26.30 36.54 -4.29
N GLY B 306 -25.58 37.36 -3.52
CA GLY B 306 -25.52 37.18 -2.09
C GLY B 306 -24.52 36.17 -1.59
N SER B 307 -23.66 35.66 -2.46
CA SER B 307 -22.67 34.68 -2.04
C SER B 307 -21.58 35.34 -1.19
N GLU B 308 -21.02 34.55 -0.27
CA GLU B 308 -19.92 35.01 0.57
C GLU B 308 -18.68 35.19 -0.31
N HIS B 309 -18.24 36.43 -0.47
CA HIS B 309 -17.17 36.76 -1.40
C HIS B 309 -15.85 36.91 -0.67
N TYR B 310 -14.80 36.28 -1.19
CA TYR B 310 -13.45 36.42 -0.68
C TYR B 310 -12.56 36.96 -1.79
N GLU B 311 -11.93 38.11 -1.55
CA GLU B 311 -11.13 38.81 -2.54
C GLU B 311 -9.67 38.77 -2.14
N VAL B 312 -8.81 38.43 -3.11
CA VAL B 312 -7.37 38.35 -2.91
C VAL B 312 -6.71 39.42 -3.77
N LEU B 313 -5.95 40.30 -3.15
CA LEU B 313 -5.15 41.30 -3.86
C LEU B 313 -3.69 40.82 -3.92
N PHE B 314 -3.46 39.84 -4.79
CA PHE B 314 -2.13 39.28 -4.92
C PHE B 314 -1.17 40.29 -5.52
N ASN B 315 0.00 40.42 -4.91
CA ASN B 315 1.02 41.34 -5.38
C ASN B 315 2.03 40.60 -6.24
N SER B 316 2.82 41.38 -6.99
CA SER B 316 3.69 40.79 -8.00
C SER B 316 4.77 39.90 -7.38
N GLU B 317 5.17 40.17 -6.13
CA GLU B 317 6.28 39.43 -5.54
C GLU B 317 5.94 37.95 -5.37
N GLU B 318 4.76 37.65 -4.84
CA GLU B 318 4.36 36.25 -4.67
C GLU B 318 4.20 35.57 -6.02
N GLY B 319 3.62 36.26 -7.00
CA GLY B 319 3.48 35.67 -8.32
C GLY B 319 4.81 35.34 -8.95
N ILE B 320 5.80 36.23 -8.78
CA ILE B 320 7.14 35.97 -9.28
C ILE B 320 7.76 34.79 -8.55
N GLN B 321 7.63 34.75 -7.22
CA GLN B 321 8.21 33.68 -6.44
C GLN B 321 7.49 32.35 -6.65
N ALA B 322 6.26 32.37 -7.18
CA ALA B 322 5.50 31.16 -7.43
C ALA B 322 5.63 30.65 -8.86
N LEU B 323 6.48 31.29 -9.68
CA LEU B 323 6.62 30.87 -11.07
C LEU B 323 7.17 29.45 -11.15
N ASP B 324 8.17 29.13 -10.34
CA ASP B 324 8.79 27.81 -10.39
C ASP B 324 7.78 26.72 -10.02
N GLU B 325 7.02 26.94 -8.94
CA GLU B 325 6.03 25.95 -8.53
C GLU B 325 4.90 25.85 -9.54
N VAL B 326 4.51 26.98 -10.14
CA VAL B 326 3.45 26.96 -11.14
C VAL B 326 3.87 26.14 -12.35
N ILE B 327 5.10 26.35 -12.83
CA ILE B 327 5.58 25.58 -13.96
C ILE B 327 5.77 24.11 -13.60
N PHE B 328 6.19 23.83 -12.36
CA PHE B 328 6.34 22.44 -11.93
C PHE B 328 4.99 21.72 -11.91
N SER B 329 3.94 22.38 -11.40
CA SER B 329 2.64 21.74 -11.31
C SER B 329 1.96 21.65 -12.68
N LEU B 330 2.04 22.71 -13.48
CA LEU B 330 1.34 22.73 -14.77
C LEU B 330 2.00 21.83 -15.81
N GLU B 331 3.30 21.54 -15.65
CA GLU B 331 4.04 20.66 -16.56
C GLU B 331 4.01 21.18 -18.00
N THR B 332 4.02 22.49 -18.17
CA THR B 332 3.99 23.09 -19.49
C THR B 332 4.75 24.40 -19.48
N TYR B 333 5.25 24.79 -20.65
CA TYR B 333 5.99 26.04 -20.82
C TYR B 333 5.21 27.08 -21.60
N ASP B 334 3.92 26.85 -21.85
CA ASP B 334 3.12 27.82 -22.59
C ASP B 334 2.96 29.10 -21.80
N ILE B 335 3.04 30.23 -22.50
CA ILE B 335 3.06 31.53 -21.83
C ILE B 335 1.70 31.83 -21.18
N THR B 336 0.61 31.68 -21.94
CA THR B 336 -0.70 32.03 -21.41
C THR B 336 -1.12 31.10 -20.28
N THR B 337 -0.82 29.81 -20.42
CA THR B 337 -1.17 28.86 -19.38
C THR B 337 -0.46 29.20 -18.07
N VAL B 338 0.82 29.55 -18.13
CA VAL B 338 1.54 29.92 -16.92
C VAL B 338 1.01 31.24 -16.36
N ARG B 339 0.70 32.19 -17.24
CA ARG B 339 0.19 33.49 -16.79
C ARG B 339 -1.11 33.34 -16.01
N ALA B 340 -2.02 32.50 -16.51
CA ALA B 340 -3.26 32.25 -15.78
C ALA B 340 -3.04 31.33 -14.59
N SER B 341 -2.06 30.42 -14.69
CA SER B 341 -1.85 29.42 -13.65
C SER B 341 -1.24 30.03 -12.41
N VAL B 342 -0.48 31.11 -12.54
CA VAL B 342 0.02 31.80 -11.35
C VAL B 342 -1.13 32.26 -10.47
N GLY B 343 -2.09 32.96 -11.08
CA GLY B 343 -3.25 33.41 -10.33
C GLY B 343 -4.11 32.27 -9.82
N MET B 344 -4.31 31.24 -10.66
CA MET B 344 -5.12 30.11 -10.22
C MET B 344 -4.47 29.36 -9.06
N TYR B 345 -3.15 29.19 -9.11
CA TYR B 345 -2.42 28.55 -8.02
C TYR B 345 -2.53 29.37 -6.74
N LEU B 346 -2.37 30.69 -6.85
CA LEU B 346 -2.47 31.53 -5.65
C LEU B 346 -3.87 31.49 -5.05
N ILE B 347 -4.90 31.55 -5.90
CA ILE B 347 -6.27 31.55 -5.37
C ILE B 347 -6.60 30.19 -4.78
N SER B 348 -6.10 29.11 -5.37
CA SER B 348 -6.32 27.79 -4.80
C SER B 348 -5.62 27.63 -3.45
N LYS B 349 -4.41 28.16 -3.33
CA LYS B 349 -3.70 28.13 -2.05
C LYS B 349 -4.47 28.91 -0.99
N TYR B 350 -4.97 30.10 -1.36
CA TYR B 350 -5.77 30.88 -0.42
C TYR B 350 -7.05 30.15 -0.04
N ILE B 351 -7.67 29.47 -1.01
CA ILE B 351 -8.91 28.76 -0.75
C ILE B 351 -8.68 27.63 0.24
N ARG B 352 -7.62 26.85 0.03
CA ARG B 352 -7.32 25.76 0.96
C ARG B 352 -6.95 26.31 2.33
N LYS B 353 -6.18 27.39 2.38
CA LYS B 353 -5.63 27.86 3.64
C LYS B 353 -6.71 28.45 4.54
N ASN B 354 -7.57 29.33 4.00
CA ASN B 354 -8.54 30.05 4.82
C ASN B 354 -9.98 29.70 4.48
N THR B 355 -10.23 28.49 3.96
CA THR B 355 -11.59 28.08 3.64
C THR B 355 -11.65 26.57 3.59
N ASP B 356 -12.80 26.02 4.01
CA ASP B 356 -13.03 24.59 4.02
C ASP B 356 -13.82 24.11 2.80
N SER B 357 -13.63 24.75 1.65
CA SER B 357 -14.30 24.39 0.41
C SER B 357 -13.31 23.69 -0.51
N VAL B 358 -13.64 22.46 -0.90
CA VAL B 358 -12.78 21.65 -1.75
C VAL B 358 -13.24 21.66 -3.20
N VAL B 359 -14.53 21.44 -3.43
CA VAL B 359 -15.07 21.39 -4.79
C VAL B 359 -15.17 22.80 -5.33
N ILE B 360 -14.66 23.02 -6.54
CA ILE B 360 -14.60 24.34 -7.16
C ILE B 360 -15.31 24.29 -8.50
N PHE B 361 -16.17 25.27 -8.74
CA PHE B 361 -16.85 25.43 -10.02
C PHE B 361 -16.24 26.61 -10.77
N SER B 362 -15.94 26.40 -12.05
CA SER B 362 -15.36 27.44 -12.88
C SER B 362 -15.82 27.26 -14.32
N GLY B 363 -15.81 28.36 -15.06
CA GLY B 363 -16.21 28.33 -16.45
C GLY B 363 -15.05 28.13 -17.40
N GLU B 364 -14.37 26.99 -17.29
CA GLU B 364 -13.25 26.65 -18.15
C GLU B 364 -13.79 25.83 -19.32
N GLY B 365 -13.96 26.51 -20.46
CA GLY B 365 -14.48 25.87 -21.65
C GLY B 365 -15.54 26.70 -22.34
N SER B 366 -15.87 27.85 -21.77
CA SER B 366 -16.89 28.72 -22.36
C SER B 366 -16.32 29.55 -23.50
N ASP B 367 -15.13 30.13 -23.30
CA ASP B 367 -14.52 30.96 -24.32
C ASP B 367 -14.14 30.17 -25.58
N GLU B 368 -14.14 28.84 -25.51
CA GLU B 368 -13.82 27.99 -26.64
C GLU B 368 -15.07 27.38 -27.27
N LEU B 369 -15.99 26.88 -26.44
CA LEU B 369 -17.19 26.23 -26.96
C LEU B 369 -18.20 27.26 -27.47
N THR B 370 -18.31 28.40 -26.78
CA THR B 370 -19.22 29.47 -27.18
C THR B 370 -18.56 30.47 -28.13
N GLN B 371 -17.30 30.23 -28.53
CA GLN B 371 -16.57 31.14 -29.39
C GLN B 371 -16.53 32.54 -28.79
N GLY B 372 -15.93 32.67 -27.60
CA GLY B 372 -15.95 33.92 -26.89
C GLY B 372 -14.62 34.64 -26.83
N TYR B 373 -13.69 34.27 -27.71
CA TYR B 373 -12.41 34.95 -27.81
C TYR B 373 -12.53 36.15 -28.73
N ILE B 374 -11.69 37.16 -28.48
CA ILE B 374 -11.75 38.41 -29.24
C ILE B 374 -11.46 38.16 -30.71
N TYR B 375 -10.49 37.28 -31.00
CA TYR B 375 -10.08 37.04 -32.38
C TYR B 375 -11.14 36.32 -33.21
N PHE B 376 -12.19 35.80 -32.58
CA PHE B 376 -13.26 35.16 -33.35
C PHE B 376 -14.04 36.17 -34.19
N HIS B 377 -13.91 37.46 -33.90
CA HIS B 377 -14.52 38.47 -34.75
C HIS B 377 -13.93 38.45 -36.16
N LYS B 378 -12.62 38.25 -36.26
CA LYS B 378 -11.93 38.16 -37.55
C LYS B 378 -11.98 36.74 -38.10
N ALA B 379 -13.18 36.17 -38.18
CA ALA B 379 -13.35 34.82 -38.68
C ALA B 379 -13.67 34.86 -40.18
N PRO B 380 -12.91 34.14 -41.00
CA PRO B 380 -13.22 34.14 -42.45
C PRO B 380 -14.61 33.64 -42.77
N SER B 381 -15.12 32.67 -42.02
CA SER B 381 -16.46 32.13 -42.24
C SER B 381 -16.93 31.49 -40.95
N PRO B 382 -18.25 31.38 -40.75
CA PRO B 382 -18.75 30.68 -39.55
C PRO B 382 -18.29 29.24 -39.47
N GLU B 383 -18.15 28.55 -40.61
CA GLU B 383 -17.61 27.20 -40.60
C GLU B 383 -16.17 27.18 -40.10
N LYS B 384 -15.38 28.18 -40.49
CA LYS B 384 -14.01 28.27 -40.00
C LYS B 384 -14.01 28.50 -38.49
N ALA B 385 -14.91 29.33 -37.99
CA ALA B 385 -15.02 29.55 -36.55
C ALA B 385 -15.40 28.27 -35.81
N GLU B 386 -16.33 27.50 -36.38
CA GLU B 386 -16.72 26.23 -35.77
C GLU B 386 -15.55 25.25 -35.75
N GLU B 387 -14.79 25.19 -36.85
CA GLU B 387 -13.63 24.32 -36.89
C GLU B 387 -12.58 24.74 -35.87
N GLU B 388 -12.37 26.05 -35.72
CA GLU B 388 -11.41 26.55 -34.73
C GLU B 388 -11.87 26.21 -33.32
N SER B 389 -13.16 26.35 -33.04
CA SER B 389 -13.69 26.01 -31.72
C SER B 389 -13.52 24.53 -31.43
N GLU B 390 -13.81 23.68 -32.41
CA GLU B 390 -13.62 22.24 -32.22
C GLU B 390 -12.14 21.90 -32.01
N ARG B 391 -11.25 22.56 -32.75
CA ARG B 391 -9.82 22.34 -32.57
C ARG B 391 -9.37 22.75 -31.17
N LEU B 392 -9.88 23.88 -30.67
CA LEU B 392 -9.56 24.30 -29.31
C LEU B 392 -10.09 23.30 -28.29
N LEU B 393 -11.30 22.78 -28.51
CA LEU B 393 -11.87 21.79 -27.60
C LEU B 393 -11.05 20.51 -27.58
N ARG B 394 -10.57 20.07 -28.75
CA ARG B 394 -9.75 18.86 -28.81
C ARG B 394 -8.44 19.03 -28.05
N GLU B 395 -7.83 20.22 -28.16
CA GLU B 395 -6.58 20.51 -27.48
C GLU B 395 -6.79 21.25 -26.16
N LEU B 396 -8.01 21.16 -25.60
CA LEU B 396 -8.29 21.82 -24.33
C LEU B 396 -7.55 21.17 -23.17
N TYR B 397 -7.12 19.92 -23.32
CA TYR B 397 -6.42 19.21 -22.26
C TYR B 397 -4.98 19.67 -22.09
N LEU B 398 -4.54 20.70 -22.83
CA LEU B 398 -3.18 21.20 -22.73
C LEU B 398 -3.06 22.64 -22.26
N PHE B 399 -4.10 23.46 -22.45
CA PHE B 399 -3.98 24.90 -22.23
C PHE B 399 -4.81 25.41 -21.06
N ASP B 400 -6.12 25.19 -21.08
CA ASP B 400 -7.00 25.75 -20.05
C ASP B 400 -7.43 24.71 -19.02
N VAL B 401 -7.87 23.53 -19.46
CA VAL B 401 -8.21 22.47 -18.53
C VAL B 401 -6.96 22.00 -17.78
N LEU B 402 -5.81 21.95 -18.48
CA LEU B 402 -4.57 21.54 -17.84
C LEU B 402 -4.22 22.45 -16.68
N ARG B 403 -4.31 23.77 -16.88
CA ARG B 403 -4.02 24.71 -15.80
C ARG B 403 -5.08 24.60 -14.69
N ALA B 404 -6.36 24.56 -15.07
CA ALA B 404 -7.43 24.51 -14.10
C ALA B 404 -7.42 23.24 -13.26
N ASP B 405 -6.73 22.19 -13.72
CA ASP B 405 -6.57 20.98 -12.94
C ASP B 405 -5.26 20.93 -12.17
N ARG B 406 -4.16 21.36 -12.78
CA ARG B 406 -2.86 21.29 -12.13
C ARG B 406 -2.70 22.33 -11.03
N THR B 407 -3.37 23.48 -11.14
CA THR B 407 -3.31 24.47 -10.07
C THR B 407 -4.37 24.24 -9.00
N THR B 408 -5.29 23.30 -9.23
CA THR B 408 -6.33 22.95 -8.26
C THR B 408 -5.95 21.71 -7.46
N ALA B 409 -5.53 20.64 -8.13
CA ALA B 409 -5.13 19.43 -7.42
C ALA B 409 -3.81 19.58 -6.68
N ALA B 410 -3.04 20.62 -6.97
CA ALA B 410 -1.78 20.85 -6.27
C ALA B 410 -1.97 21.26 -4.81
N HIS B 411 -3.19 21.59 -4.41
CA HIS B 411 -3.49 21.99 -3.04
C HIS B 411 -4.52 21.09 -2.39
N GLY B 412 -4.75 19.90 -2.94
CA GLY B 412 -5.77 19.02 -2.42
C GLY B 412 -7.19 19.52 -2.64
N LEU B 413 -7.48 20.06 -3.81
CA LEU B 413 -8.80 20.57 -4.17
C LEU B 413 -9.37 19.77 -5.33
N GLU B 414 -10.58 20.13 -5.73
CA GLU B 414 -11.28 19.46 -6.83
C GLU B 414 -11.87 20.52 -7.77
N LEU B 415 -11.91 20.19 -9.06
CA LEU B 415 -12.41 21.07 -10.09
C LEU B 415 -13.62 20.44 -10.76
N ARG B 416 -14.70 21.20 -10.91
CA ARG B 416 -15.93 20.74 -11.56
C ARG B 416 -16.31 21.78 -12.62
N VAL B 417 -15.88 21.55 -13.85
CA VAL B 417 -16.21 22.45 -14.96
C VAL B 417 -17.66 22.19 -15.36
N PRO B 418 -18.54 23.19 -15.28
CA PRO B 418 -19.94 22.96 -15.63
C PRO B 418 -20.21 23.17 -17.12
N PHE B 419 -19.36 23.95 -17.78
CA PHE B 419 -19.57 24.26 -19.19
C PHE B 419 -19.19 23.08 -20.09
N LEU B 420 -18.18 22.30 -19.70
CA LEU B 420 -17.77 21.16 -20.51
C LEU B 420 -18.61 19.93 -20.16
N ASP B 421 -19.93 20.07 -20.19
CA ASP B 421 -20.81 18.93 -20.05
C ASP B 421 -21.03 18.27 -21.40
N HIS B 422 -21.17 16.94 -21.37
CA HIS B 422 -21.27 16.19 -22.61
C HIS B 422 -22.50 16.60 -23.42
N ARG B 423 -23.67 16.60 -22.77
CA ARG B 423 -24.90 16.95 -23.47
C ARG B 423 -24.92 18.43 -23.87
N PHE B 424 -24.49 19.31 -22.95
CA PHE B 424 -24.48 20.73 -23.24
C PHE B 424 -23.55 21.04 -24.40
N SER B 425 -22.35 20.48 -24.38
CA SER B 425 -21.39 20.70 -25.47
C SER B 425 -21.90 20.11 -26.77
N SER B 426 -22.48 18.91 -26.72
CA SER B 426 -22.99 18.29 -27.94
C SER B 426 -24.11 19.11 -28.56
N TYR B 427 -24.99 19.68 -27.72
CA TYR B 427 -26.08 20.49 -28.26
C TYR B 427 -25.57 21.83 -28.78
N TYR B 428 -24.63 22.45 -28.07
CA TYR B 428 -24.09 23.73 -28.53
C TYR B 428 -23.34 23.59 -29.85
N LEU B 429 -22.55 22.52 -29.98
CA LEU B 429 -21.79 22.31 -31.20
C LEU B 429 -22.64 21.80 -32.36
N SER B 430 -23.87 21.36 -32.09
CA SER B 430 -24.78 20.92 -33.14
C SER B 430 -25.64 22.04 -33.68
N LEU B 431 -25.52 23.25 -33.13
CA LEU B 431 -26.30 24.39 -33.59
C LEU B 431 -25.76 24.89 -34.93
N PRO B 432 -26.56 25.65 -35.66
CA PRO B 432 -26.07 26.29 -36.89
C PRO B 432 -24.92 27.22 -36.57
N PRO B 433 -23.90 27.26 -37.44
CA PRO B 433 -22.74 28.13 -37.15
C PRO B 433 -23.07 29.60 -37.10
N GLU B 434 -24.16 30.04 -37.72
CA GLU B 434 -24.53 31.44 -37.69
C GLU B 434 -24.88 31.91 -36.28
N MET B 435 -25.58 31.05 -35.52
CA MET B 435 -25.99 31.44 -34.17
C MET B 435 -24.80 31.54 -33.23
N ARG B 436 -23.80 30.68 -33.39
CA ARG B 436 -22.66 30.70 -32.47
C ARG B 436 -21.73 31.88 -32.72
N ILE B 437 -21.66 32.35 -33.96
CA ILE B 437 -20.77 33.46 -34.33
C ILE B 437 -21.26 34.73 -33.65
N PRO B 438 -20.40 35.69 -33.35
CA PRO B 438 -20.87 36.96 -32.81
C PRO B 438 -21.86 37.63 -33.75
N LYS B 439 -22.88 38.26 -33.16
CA LYS B 439 -24.02 38.79 -33.90
C LYS B 439 -23.89 40.29 -34.16
N ASN B 440 -23.70 41.08 -33.11
CA ASN B 440 -23.69 42.52 -33.24
C ASN B 440 -22.40 43.12 -32.69
N GLY B 441 -21.26 42.55 -33.05
CA GLY B 441 -19.98 43.00 -32.55
C GLY B 441 -19.69 42.58 -31.12
N ILE B 442 -20.51 41.71 -30.54
CA ILE B 442 -20.34 41.26 -29.17
C ILE B 442 -20.33 39.74 -29.17
N GLU B 443 -19.28 39.15 -28.61
CA GLU B 443 -19.12 37.71 -28.62
C GLU B 443 -20.04 37.05 -27.60
N LYS B 444 -20.25 35.74 -27.80
CA LYS B 444 -21.11 34.94 -26.93
C LYS B 444 -22.53 35.49 -26.88
N HIS B 445 -23.03 35.97 -28.02
CA HIS B 445 -24.33 36.64 -28.04
C HIS B 445 -25.45 35.69 -27.66
N LEU B 446 -25.39 34.44 -28.14
CA LEU B 446 -26.45 33.49 -27.82
C LEU B 446 -26.46 33.18 -26.32
N LEU B 447 -25.28 33.01 -25.72
CA LEU B 447 -25.21 32.74 -24.29
C LEU B 447 -25.76 33.91 -23.47
N ARG B 448 -25.42 35.13 -23.86
CA ARG B 448 -25.91 36.31 -23.15
C ARG B 448 -27.43 36.45 -23.29
N GLU B 449 -27.94 36.19 -24.49
CA GLU B 449 -29.39 36.28 -24.72
C GLU B 449 -30.13 35.17 -23.99
N THR B 450 -29.47 34.02 -23.76
CA THR B 450 -30.12 32.91 -23.09
C THR B 450 -30.57 33.28 -21.68
N PHE B 451 -29.73 33.99 -20.94
CA PHE B 451 -30.01 34.32 -19.54
C PHE B 451 -30.41 35.77 -19.34
N GLU B 452 -30.90 36.44 -20.38
CA GLU B 452 -31.29 37.83 -20.28
C GLU B 452 -32.63 38.04 -19.56
N ASP B 453 -33.41 36.97 -19.37
CA ASP B 453 -34.69 37.07 -18.68
C ASP B 453 -34.71 36.41 -17.31
N SER B 454 -33.72 35.57 -17.00
CA SER B 454 -33.69 34.89 -15.71
C SER B 454 -33.19 35.77 -14.57
N ASN B 455 -32.59 36.93 -14.89
CA ASN B 455 -32.07 37.86 -13.88
C ASN B 455 -31.06 37.18 -12.96
N LEU B 456 -30.23 36.31 -13.54
CA LEU B 456 -29.20 35.63 -12.74
C LEU B 456 -28.12 36.60 -12.31
N ILE B 457 -27.63 37.42 -13.23
CA ILE B 457 -26.55 38.37 -12.95
C ILE B 457 -26.95 39.72 -13.51
N PRO B 458 -26.36 40.81 -12.98
CA PRO B 458 -26.75 42.15 -13.43
C PRO B 458 -26.50 42.34 -14.92
N LYS B 459 -27.37 43.13 -15.54
CA LYS B 459 -27.30 43.37 -16.98
C LYS B 459 -26.01 44.06 -17.40
N GLU B 460 -25.40 44.84 -16.51
CA GLU B 460 -24.12 45.47 -16.82
C GLU B 460 -23.00 44.46 -17.01
N ILE B 461 -23.16 43.25 -16.48
CA ILE B 461 -22.15 42.21 -16.58
C ILE B 461 -22.52 41.14 -17.60
N LEU B 462 -23.81 40.83 -17.76
CA LEU B 462 -24.24 39.97 -18.85
C LEU B 462 -23.77 40.50 -20.20
N TRP B 463 -24.00 41.78 -20.44
CA TRP B 463 -23.52 42.46 -21.65
C TRP B 463 -22.14 43.06 -21.34
N ARG B 464 -21.68 43.98 -22.20
CA ARG B 464 -20.38 44.64 -22.05
C ARG B 464 -19.26 43.60 -22.11
N PRO B 465 -18.98 43.04 -23.28
CA PRO B 465 -17.93 42.01 -23.38
C PRO B 465 -16.54 42.63 -23.23
N LYS B 466 -15.58 41.75 -23.00
CA LYS B 466 -14.18 42.16 -22.88
C LYS B 466 -13.24 41.05 -23.31
N ASN B 478 -5.56 46.10 -14.04
CA ASN B 478 -4.91 44.79 -13.92
C ASN B 478 -3.72 44.69 -14.86
N SER B 479 -2.56 45.16 -14.39
CA SER B 479 -1.32 45.14 -15.15
C SER B 479 -0.38 44.14 -14.48
N TRP B 480 -0.50 42.87 -14.87
CA TRP B 480 0.35 41.81 -14.35
C TRP B 480 1.37 41.31 -15.37
N PHE B 481 1.09 41.47 -16.66
CA PHE B 481 2.04 41.06 -17.69
C PHE B 481 3.27 41.96 -17.72
N LYS B 482 3.11 43.24 -17.41
CA LYS B 482 4.25 44.16 -17.48
C LYS B 482 5.32 43.82 -16.45
N ILE B 483 4.91 43.55 -15.20
CA ILE B 483 5.87 43.19 -14.17
C ILE B 483 6.47 41.83 -14.47
N LEU B 484 5.68 40.93 -15.07
CA LEU B 484 6.21 39.63 -15.47
C LEU B 484 7.33 39.80 -16.50
N GLN B 485 7.12 40.65 -17.51
CA GLN B 485 8.15 40.91 -18.50
C GLN B 485 9.36 41.60 -17.87
N GLU B 486 9.12 42.55 -16.96
CA GLU B 486 10.23 43.23 -16.29
C GLU B 486 11.07 42.26 -15.49
N TYR B 487 10.43 41.32 -14.78
CA TYR B 487 11.18 40.30 -14.06
C TYR B 487 11.94 39.40 -15.02
N VAL B 488 11.24 38.81 -15.99
CA VAL B 488 11.98 38.10 -17.03
C VAL B 488 12.22 39.06 -18.19
N GLU B 489 13.12 40.00 -17.98
CA GLU B 489 13.85 40.73 -19.01
C GLU B 489 15.34 40.76 -18.73
N HIS B 490 15.73 40.97 -17.47
CA HIS B 490 17.10 40.77 -17.02
C HIS B 490 17.27 39.38 -16.40
N GLN B 491 16.78 38.37 -17.09
CA GLN B 491 17.03 36.97 -16.72
C GLN B 491 17.37 36.09 -17.92
N VAL B 492 16.97 36.46 -19.12
CA VAL B 492 17.36 35.76 -20.35
C VAL B 492 18.20 36.75 -21.15
N ASP B 493 19.50 36.56 -21.14
CA ASP B 493 20.41 37.47 -21.82
C ASP B 493 20.17 37.43 -23.33
N ASP B 494 20.50 38.53 -24.00
CA ASP B 494 20.36 38.59 -25.44
C ASP B 494 21.22 37.54 -26.15
N ALA B 495 22.31 37.11 -25.52
CA ALA B 495 23.10 36.00 -26.06
C ALA B 495 22.40 34.67 -25.85
N MET B 496 21.66 34.52 -24.75
CA MET B 496 20.92 33.28 -24.50
C MET B 496 19.74 33.11 -25.46
N MET B 497 19.20 34.21 -25.98
CA MET B 497 18.12 34.11 -26.96
C MET B 497 18.63 33.89 -28.38
N ALA B 498 19.92 34.14 -28.62
CA ALA B 498 20.49 33.90 -29.95
C ALA B 498 20.73 32.42 -30.21
N ASN B 499 21.13 31.68 -29.19
CA ASN B 499 21.38 30.25 -29.31
C ASN B 499 20.18 29.41 -28.91
N ALA B 500 19.00 30.02 -28.76
CA ALA B 500 17.79 29.26 -28.43
C ALA B 500 17.47 28.25 -29.52
N ALA B 501 17.88 28.52 -30.76
CA ALA B 501 17.68 27.56 -31.83
C ALA B 501 18.53 26.32 -31.67
N GLN B 502 19.63 26.40 -30.92
CA GLN B 502 20.49 25.25 -30.67
C GLN B 502 20.42 24.74 -29.25
N LYS B 503 19.70 25.43 -28.36
CA LYS B 503 19.48 24.97 -27.00
C LYS B 503 18.12 24.33 -26.79
N PHE B 504 17.10 24.81 -27.51
CA PHE B 504 15.75 24.23 -27.48
C PHE B 504 15.30 24.00 -28.91
N PRO B 505 15.83 22.98 -29.58
CA PRO B 505 15.48 22.74 -30.99
C PRO B 505 13.99 22.48 -31.20
N PHE B 506 13.33 21.80 -30.27
CA PHE B 506 11.91 21.52 -30.39
C PHE B 506 11.13 22.62 -29.68
N ASN B 507 10.22 23.27 -30.41
CA ASN B 507 9.38 24.35 -29.88
C ASN B 507 10.25 25.46 -29.29
N THR B 508 11.05 26.08 -30.16
CA THR B 508 11.97 27.12 -29.73
C THR B 508 11.20 28.34 -29.25
N PRO B 509 11.47 28.84 -28.04
CA PRO B 509 10.78 30.04 -27.57
C PRO B 509 11.19 31.27 -28.37
N LYS B 510 10.19 32.05 -28.80
CA LYS B 510 10.44 33.26 -29.57
C LYS B 510 10.60 34.50 -28.72
N THR B 511 10.36 34.41 -27.42
CA THR B 511 10.47 35.55 -26.51
C THR B 511 11.24 35.15 -25.26
N LYS B 512 11.70 36.16 -24.52
CA LYS B 512 12.44 35.91 -23.30
C LYS B 512 11.58 35.26 -22.22
N GLU B 513 10.30 35.64 -22.14
CA GLU B 513 9.40 35.01 -21.18
C GLU B 513 9.23 33.52 -21.48
N GLY B 514 9.06 33.18 -22.76
CA GLY B 514 9.00 31.79 -23.14
C GLY B 514 10.29 31.04 -22.84
N TYR B 515 11.43 31.71 -23.04
CA TYR B 515 12.71 31.09 -22.71
C TYR B 515 12.82 30.81 -21.22
N TYR B 516 12.39 31.75 -20.37
CA TYR B 516 12.43 31.51 -18.93
C TYR B 516 11.52 30.37 -18.54
N TYR B 517 10.29 30.34 -19.10
CA TYR B 517 9.39 29.24 -18.80
C TYR B 517 9.98 27.90 -19.24
N ARG B 518 10.59 27.87 -20.43
CA ARG B 518 11.17 26.63 -20.93
C ARG B 518 12.35 26.19 -20.08
N GLN B 519 13.19 27.13 -19.62
CA GLN B 519 14.33 26.73 -18.82
C GLN B 519 13.89 26.22 -17.46
N VAL B 520 12.86 26.83 -16.86
CA VAL B 520 12.32 26.30 -15.61
C VAL B 520 11.72 24.92 -15.82
N PHE B 521 10.98 24.73 -16.90
CA PHE B 521 10.37 23.43 -17.20
C PHE B 521 11.44 22.37 -17.40
N GLU B 522 12.51 22.71 -18.12
CA GLU B 522 13.60 21.77 -18.34
C GLU B 522 14.34 21.44 -17.04
N ARG B 523 14.50 22.44 -16.18
CA ARG B 523 15.12 22.18 -14.87
C ARG B 523 14.25 21.24 -14.05
N HIS B 524 12.93 21.38 -14.12
CA HIS B 524 12.04 20.45 -13.43
C HIS B 524 11.85 19.15 -14.21
N TYR B 525 11.62 19.24 -15.52
CA TYR B 525 11.41 18.07 -16.38
C TYR B 525 12.43 18.12 -17.51
N PRO B 526 13.55 17.41 -17.36
CA PRO B 526 14.61 17.49 -18.38
C PRO B 526 14.34 16.54 -19.54
N GLY B 527 14.49 17.07 -20.76
CA GLY B 527 14.35 16.27 -21.96
C GLY B 527 12.92 16.06 -22.41
N ARG B 528 12.03 15.76 -21.47
CA ARG B 528 10.62 15.50 -21.78
C ARG B 528 9.92 16.83 -22.00
N ALA B 529 10.14 17.40 -23.18
CA ALA B 529 9.53 18.67 -23.58
C ALA B 529 8.70 18.53 -24.84
N ASP B 530 8.33 17.31 -25.21
CA ASP B 530 7.49 17.06 -26.37
C ASP B 530 6.01 17.00 -26.03
N TRP B 531 5.65 17.28 -24.77
CA TRP B 531 4.25 17.24 -24.36
C TRP B 531 3.45 18.35 -25.02
N LEU B 532 4.08 19.48 -25.31
CA LEU B 532 3.42 20.63 -25.93
C LEU B 532 3.98 20.80 -27.34
N SER B 533 3.15 20.55 -28.34
CA SER B 533 3.60 20.65 -29.73
C SER B 533 3.64 22.10 -30.19
N HIS B 534 2.48 22.77 -30.20
CA HIS B 534 2.40 24.18 -30.53
C HIS B 534 2.47 24.98 -29.23
N TYR B 535 2.19 26.28 -29.30
CA TYR B 535 2.16 27.12 -28.11
C TYR B 535 0.73 27.60 -27.84
N TRP B 536 0.16 28.38 -28.76
CA TRP B 536 -1.25 28.75 -28.72
C TRP B 536 -1.57 29.51 -30.01
N MET B 537 -2.70 29.20 -30.65
CA MET B 537 -3.02 29.82 -31.93
C MET B 537 -4.08 30.90 -31.76
N PRO B 538 -3.72 32.18 -31.90
CA PRO B 538 -4.73 33.25 -31.88
C PRO B 538 -5.51 33.42 -33.17
N LYS B 539 -5.35 32.50 -34.12
CA LYS B 539 -6.11 32.52 -35.37
C LYS B 539 -5.91 31.23 -36.16
#